data_4BZU
# 
_entry.id   4BZU 
# 
_audit_conform.dict_name       mmcif_pdbx.dic 
_audit_conform.dict_version    5.392 
_audit_conform.dict_location   http://mmcif.pdb.org/dictionaries/ascii/mmcif_pdbx.dic 
# 
loop_
_database_2.database_id 
_database_2.database_code 
_database_2.pdbx_database_accession 
_database_2.pdbx_DOI 
PDB   4BZU         pdb_00004bzu 10.2210/pdb4bzu/pdb 
PDBE  EBI-57847    ?            ?                   
WWPDB D_1290057847 ?            ?                   
# 
loop_
_pdbx_audit_revision_history.ordinal 
_pdbx_audit_revision_history.data_content_type 
_pdbx_audit_revision_history.major_revision 
_pdbx_audit_revision_history.minor_revision 
_pdbx_audit_revision_history.revision_date 
1 'Structure model' 1 0 2013-08-21 
2 'Structure model' 1 1 2013-08-28 
3 'Structure model' 1 2 2013-09-04 
4 'Structure model' 1 3 2014-09-03 
5 'Structure model' 1 4 2024-05-15 
# 
_pdbx_audit_revision_details.ordinal             1 
_pdbx_audit_revision_details.revision_ordinal    1 
_pdbx_audit_revision_details.data_content_type   'Structure model' 
_pdbx_audit_revision_details.provider            repository 
_pdbx_audit_revision_details.type                'Initial release' 
_pdbx_audit_revision_details.description         ? 
_pdbx_audit_revision_details.details             ? 
# 
loop_
_pdbx_audit_revision_group.ordinal 
_pdbx_audit_revision_group.revision_ordinal 
_pdbx_audit_revision_group.data_content_type 
_pdbx_audit_revision_group.group 
1 2 'Structure model' 'Structure summary'    
2 3 'Structure model' 'Structure summary'    
3 4 'Structure model' 'Database references'  
4 5 'Structure model' 'Data collection'      
5 5 'Structure model' 'Database references'  
6 5 'Structure model' 'Derived calculations' 
7 5 'Structure model' Other                  
# 
loop_
_pdbx_audit_revision_category.ordinal 
_pdbx_audit_revision_category.revision_ordinal 
_pdbx_audit_revision_category.data_content_type 
_pdbx_audit_revision_category.category 
1 5 'Structure model' chem_comp_atom        
2 5 'Structure model' chem_comp_bond        
3 5 'Structure model' database_2            
4 5 'Structure model' pdbx_database_status  
5 5 'Structure model' pdbx_nmr_software     
6 5 'Structure model' pdbx_nmr_spectrometer 
7 5 'Structure model' struct_site           
# 
loop_
_pdbx_audit_revision_item.ordinal 
_pdbx_audit_revision_item.revision_ordinal 
_pdbx_audit_revision_item.data_content_type 
_pdbx_audit_revision_item.item 
1 5 'Structure model' '_database_2.pdbx_DOI'                 
2 5 'Structure model' '_database_2.pdbx_database_accession'  
3 5 'Structure model' '_pdbx_database_status.status_code_cs' 
4 5 'Structure model' '_pdbx_database_status.status_code_mr' 
5 5 'Structure model' '_pdbx_nmr_software.name'              
6 5 'Structure model' '_pdbx_nmr_spectrometer.model'         
7 5 'Structure model' '_struct_site.pdbx_auth_asym_id'       
8 5 'Structure model' '_struct_site.pdbx_auth_comp_id'       
9 5 'Structure model' '_struct_site.pdbx_auth_seq_id'        
# 
_pdbx_database_status.status_code                     REL 
_pdbx_database_status.entry_id                        4BZU 
_pdbx_database_status.deposit_site                    PDBE 
_pdbx_database_status.process_site                    PDBE 
_pdbx_database_status.SG_entry                        . 
_pdbx_database_status.recvd_initial_deposition_date   2013-07-30 
_pdbx_database_status.pdb_format_compatible           Y 
_pdbx_database_status.status_code_sf                  ? 
_pdbx_database_status.status_code_mr                  REL 
_pdbx_database_status.status_code_cs                  REL 
_pdbx_database_status.methods_development_category    ? 
_pdbx_database_status.status_code_nmr_data            ? 
# 
loop_
_pdbx_database_related.db_name 
_pdbx_database_related.db_id 
_pdbx_database_related.content_type 
_pdbx_database_related.details 
PDB 4BZT unspecified 'SOLUTION STRUCTURE OF MLN 944-DNA COMPLEXES'                
PDB 4BZV unspecified 'THE SOLUTION STRUCTURE OF THE MLN 944-D(TACGCGTA)2 COMPLEX' 
# 
loop_
_audit_author.name 
_audit_author.pdbx_ordinal 
'Serobian, A.'    1 
'Thomas, D.S.'    2 
'Ball, G.E.'      3 
'Denny, W.A.'     4 
'Wakelin, L.P.G.' 5 
# 
_citation.id                        primary 
_citation.title                     
'The Solution Structure of Bis(Phenazine-1-Carboxamide)-DNA Complexes: Mln 944 Binding Corrected and Extended.' 
_citation.journal_abbrev            Biopolymers 
_citation.journal_volume            101 
_citation.page_first                1099 
_citation.page_last                 ? 
_citation.year                      2014 
_citation.journal_id_ASTM           BIPMAA 
_citation.country                   US 
_citation.journal_id_ISSN           0006-3525 
_citation.journal_id_CSD            0161 
_citation.book_publisher            ? 
_citation.pdbx_database_id_PubMed   24898663 
_citation.pdbx_database_id_DOI      10.1002/BIP.22513 
# 
loop_
_citation_author.citation_id 
_citation_author.name 
_citation_author.ordinal 
_citation_author.identifier_ORCID 
primary 'Serobian, A.'    1 ? 
primary 'Thomas, D.S.'    2 ? 
primary 'Ball, G.E.'      3 ? 
primary 'Denny, W.A.'     4 ? 
primary 'Wakelin, L.P.G.' 5 ? 
# 
loop_
_entity.id 
_entity.type 
_entity.src_method 
_entity.pdbx_description 
_entity.formula_weight 
_entity.pdbx_number_of_molecules 
_entity.pdbx_ec 
_entity.pdbx_mutation 
_entity.pdbx_fragment 
_entity.details 
1 polymer     syn DNA                                                                                                         
2425.629 2 ? ? ? 'THE DNA CONFORMATION IS IN THE FORM OF B-DNA.' 
2 non-polymer syn '1-METHYL-9-[12-(9-METHYLPHENAZIN-10-IUM-1-YL)-12-OXO-2,11-DIAZA-5,8-DIAZONIADODEC-1-ANOYL]PHENAZIN-10-IUM' 
590.718  1 ? ? ? ?                                               
# 
_entity_poly.entity_id                      1 
_entity_poly.type                           polydeoxyribonucleotide 
_entity_poly.nstd_linkage                   no 
_entity_poly.nstd_monomer                   no 
_entity_poly.pdbx_seq_one_letter_code       '(DT)(DA)(DT)(DG)(DC)(DA)(DT)(DA)' 
_entity_poly.pdbx_seq_one_letter_code_can   TATGCATA 
_entity_poly.pdbx_strand_id                 A,B 
_entity_poly.pdbx_target_identifier         ? 
# 
_pdbx_entity_nonpoly.entity_id   2 
_pdbx_entity_nonpoly.name        
'1-METHYL-9-[12-(9-METHYLPHENAZIN-10-IUM-1-YL)-12-OXO-2,11-DIAZA-5,8-DIAZONIADODEC-1-ANOYL]PHENAZIN-10-IUM' 
_pdbx_entity_nonpoly.comp_id     XR2 
# 
loop_
_entity_poly_seq.entity_id 
_entity_poly_seq.num 
_entity_poly_seq.mon_id 
_entity_poly_seq.hetero 
1 1 DT n 
1 2 DA n 
1 3 DT n 
1 4 DG n 
1 5 DC n 
1 6 DA n 
1 7 DT n 
1 8 DA n 
# 
_pdbx_entity_src_syn.entity_id              1 
_pdbx_entity_src_syn.pdbx_src_id            1 
_pdbx_entity_src_syn.pdbx_alt_source_flag   sample 
_pdbx_entity_src_syn.pdbx_beg_seq_num       ? 
_pdbx_entity_src_syn.pdbx_end_seq_num       ? 
_pdbx_entity_src_syn.organism_scientific    'SYNTHETIC CONSTRUCT' 
_pdbx_entity_src_syn.organism_common_name   ? 
_pdbx_entity_src_syn.ncbi_taxonomy_id       32630 
_pdbx_entity_src_syn.details                ? 
# 
loop_
_chem_comp.id 
_chem_comp.type 
_chem_comp.mon_nstd_flag 
_chem_comp.name 
_chem_comp.pdbx_synonyms 
_chem_comp.formula 
_chem_comp.formula_weight 
DA  'DNA linking' y "2'-DEOXYADENOSINE-5'-MONOPHOSPHATE"                                                                        ? 
'C10 H14 N5 O6 P' 331.222 
DC  'DNA linking' y "2'-DEOXYCYTIDINE-5'-MONOPHOSPHATE"                                                                         ? 
'C9 H14 N3 O7 P'  307.197 
DG  'DNA linking' y "2'-DEOXYGUANOSINE-5'-MONOPHOSPHATE"                                                                        ? 
'C10 H14 N5 O7 P' 347.221 
DT  'DNA linking' y "THYMIDINE-5'-MONOPHOSPHATE"                                                                                ? 
'C10 H15 N2 O8 P' 322.208 
XR2 non-polymer   . '1-METHYL-9-[12-(9-METHYLPHENAZIN-10-IUM-1-YL)-12-OXO-2,11-DIAZA-5,8-DIAZONIADODEC-1-ANOYL]PHENAZIN-10-IUM' ? 
'C34 H38 N8 O2 4' 590.718 
# 
loop_
_pdbx_poly_seq_scheme.asym_id 
_pdbx_poly_seq_scheme.entity_id 
_pdbx_poly_seq_scheme.seq_id 
_pdbx_poly_seq_scheme.mon_id 
_pdbx_poly_seq_scheme.ndb_seq_num 
_pdbx_poly_seq_scheme.pdb_seq_num 
_pdbx_poly_seq_scheme.auth_seq_num 
_pdbx_poly_seq_scheme.pdb_mon_id 
_pdbx_poly_seq_scheme.auth_mon_id 
_pdbx_poly_seq_scheme.pdb_strand_id 
_pdbx_poly_seq_scheme.pdb_ins_code 
_pdbx_poly_seq_scheme.hetero 
A 1 1 DT 1 1  1  DT DT A . n 
A 1 2 DA 2 2  2  DA DA A . n 
A 1 3 DT 3 3  3  DT DT A . n 
A 1 4 DG 4 4  4  DG DG A . n 
A 1 5 DC 5 5  5  DC DC A . n 
A 1 6 DA 6 6  6  DA DA A . n 
A 1 7 DT 7 7  7  DT DT A . n 
A 1 8 DA 8 8  8  DA DA A . n 
B 1 1 DT 1 9  9  DT DT B . n 
B 1 2 DA 2 10 10 DA DA B . n 
B 1 3 DT 3 11 11 DT DT B . n 
B 1 4 DG 4 12 12 DG DG B . n 
B 1 5 DC 5 13 13 DC DC B . n 
B 1 6 DA 6 14 14 DA DA B . n 
B 1 7 DT 7 15 15 DT DT B . n 
B 1 8 DA 8 16 16 DA DA B . n 
# 
_pdbx_nonpoly_scheme.asym_id         C 
_pdbx_nonpoly_scheme.entity_id       2 
_pdbx_nonpoly_scheme.mon_id          XR2 
_pdbx_nonpoly_scheme.ndb_seq_num     1 
_pdbx_nonpoly_scheme.pdb_seq_num     17 
_pdbx_nonpoly_scheme.auth_seq_num    17 
_pdbx_nonpoly_scheme.pdb_mon_id      XR2 
_pdbx_nonpoly_scheme.auth_mon_id     XR2 
_pdbx_nonpoly_scheme.pdb_strand_id   A 
_pdbx_nonpoly_scheme.pdb_ins_code    . 
# 
_cell.entry_id           4BZU 
_cell.length_a           1.000 
_cell.length_b           1.000 
_cell.length_c           1.000 
_cell.angle_alpha        90.00 
_cell.angle_beta         90.00 
_cell.angle_gamma        90.00 
_cell.Z_PDB              1 
_cell.pdbx_unique_axis   ? 
# 
_symmetry.entry_id                         4BZU 
_symmetry.space_group_name_H-M             'P 1' 
_symmetry.pdbx_full_space_group_name_H-M   ? 
_symmetry.cell_setting                     ? 
_symmetry.Int_Tables_number                1 
# 
_exptl.entry_id          4BZU 
_exptl.method            'SOLUTION NMR' 
_exptl.crystals_number   ? 
# 
_struct.entry_id                  4BZU 
_struct.title                     'The Solution Structure of the MLN 944-d(TATGCATA)2 Complex' 
_struct.pdbx_model_details        ? 
_struct.pdbx_CASP_flag            ? 
_struct.pdbx_model_type_details   ? 
# 
_struct_keywords.entry_id        4BZU 
_struct_keywords.pdbx_keywords   DNA 
_struct_keywords.text            'BIS(PHENAZINE-1-CARBOXAMIDES), MLN 944, DNA, INTERCALATION, DRUG DESIGN, ANTICANCER DRUG.' 
# 
loop_
_struct_asym.id 
_struct_asym.pdbx_blank_PDB_chainid_flag 
_struct_asym.pdbx_modified 
_struct_asym.entity_id 
_struct_asym.details 
A N N 1 ? 
B N N 1 ? 
C N N 2 ? 
# 
_struct_ref.id                         1 
_struct_ref.db_name                    PDB 
_struct_ref.db_code                    4BZU 
_struct_ref.entity_id                  1 
_struct_ref.pdbx_seq_one_letter_code   ? 
_struct_ref.pdbx_align_begin           ? 
_struct_ref.pdbx_db_accession          4BZU 
_struct_ref.pdbx_db_isoform            ? 
# 
loop_
_struct_ref_seq.align_id 
_struct_ref_seq.ref_id 
_struct_ref_seq.pdbx_PDB_id_code 
_struct_ref_seq.pdbx_strand_id 
_struct_ref_seq.seq_align_beg 
_struct_ref_seq.pdbx_seq_align_beg_ins_code 
_struct_ref_seq.seq_align_end 
_struct_ref_seq.pdbx_seq_align_end_ins_code 
_struct_ref_seq.pdbx_db_accession 
_struct_ref_seq.db_align_beg 
_struct_ref_seq.pdbx_db_align_beg_ins_code 
_struct_ref_seq.db_align_end 
_struct_ref_seq.pdbx_db_align_end_ins_code 
_struct_ref_seq.pdbx_auth_seq_align_beg 
_struct_ref_seq.pdbx_auth_seq_align_end 
1 1 4BZU A 1 ? 8 ? 4BZU 1 ? 8  ? 1 8  
2 1 4BZU B 1 ? 8 ? 4BZU 9 ? 16 ? 9 16 
# 
_pdbx_struct_assembly.id                   1 
_pdbx_struct_assembly.details              author_and_software_defined_assembly 
_pdbx_struct_assembly.method_details       PQS 
_pdbx_struct_assembly.oligomeric_details   dimeric 
_pdbx_struct_assembly.oligomeric_count     2 
# 
_pdbx_struct_assembly_gen.assembly_id       1 
_pdbx_struct_assembly_gen.oper_expression   1 
_pdbx_struct_assembly_gen.asym_id_list      A,B,C 
# 
_pdbx_struct_oper_list.id                   1 
_pdbx_struct_oper_list.type                 'identity operation' 
_pdbx_struct_oper_list.name                 1_555 
_pdbx_struct_oper_list.symmetry_operation   x,y,z 
_pdbx_struct_oper_list.matrix[1][1]         1.0000000000 
_pdbx_struct_oper_list.matrix[1][2]         0.0000000000 
_pdbx_struct_oper_list.matrix[1][3]         0.0000000000 
_pdbx_struct_oper_list.vector[1]            0.0000000000 
_pdbx_struct_oper_list.matrix[2][1]         0.0000000000 
_pdbx_struct_oper_list.matrix[2][2]         1.0000000000 
_pdbx_struct_oper_list.matrix[2][3]         0.0000000000 
_pdbx_struct_oper_list.vector[2]            0.0000000000 
_pdbx_struct_oper_list.matrix[3][1]         0.0000000000 
_pdbx_struct_oper_list.matrix[3][2]         0.0000000000 
_pdbx_struct_oper_list.matrix[3][3]         1.0000000000 
_pdbx_struct_oper_list.vector[3]            0.0000000000 
# 
_struct_biol.id   1 
# 
loop_
_struct_conn.id 
_struct_conn.conn_type_id 
_struct_conn.pdbx_leaving_atom_flag 
_struct_conn.pdbx_PDB_id 
_struct_conn.ptnr1_label_asym_id 
_struct_conn.ptnr1_label_comp_id 
_struct_conn.ptnr1_label_seq_id 
_struct_conn.ptnr1_label_atom_id 
_struct_conn.pdbx_ptnr1_label_alt_id 
_struct_conn.pdbx_ptnr1_PDB_ins_code 
_struct_conn.pdbx_ptnr1_standard_comp_id 
_struct_conn.ptnr1_symmetry 
_struct_conn.ptnr2_label_asym_id 
_struct_conn.ptnr2_label_comp_id 
_struct_conn.ptnr2_label_seq_id 
_struct_conn.ptnr2_label_atom_id 
_struct_conn.pdbx_ptnr2_label_alt_id 
_struct_conn.pdbx_ptnr2_PDB_ins_code 
_struct_conn.ptnr1_auth_asym_id 
_struct_conn.ptnr1_auth_comp_id 
_struct_conn.ptnr1_auth_seq_id 
_struct_conn.ptnr2_auth_asym_id 
_struct_conn.ptnr2_auth_comp_id 
_struct_conn.ptnr2_auth_seq_id 
_struct_conn.ptnr2_symmetry 
_struct_conn.pdbx_ptnr3_label_atom_id 
_struct_conn.pdbx_ptnr3_label_seq_id 
_struct_conn.pdbx_ptnr3_label_comp_id 
_struct_conn.pdbx_ptnr3_label_asym_id 
_struct_conn.pdbx_ptnr3_label_alt_id 
_struct_conn.pdbx_ptnr3_PDB_ins_code 
_struct_conn.details 
_struct_conn.pdbx_dist_value 
_struct_conn.pdbx_value_order 
_struct_conn.pdbx_role 
hydrog1  hydrog ? ? A DT 1 N3 ? ? ? 1_555 B DA 8 N1 ? ? A DT 1 B DA 16 1_555 ? ? ? ? ? ? WATSON-CRICK ? ? ? 
hydrog2  hydrog ? ? A DT 1 O4 ? ? ? 1_555 B DA 8 N6 ? ? A DT 1 B DA 16 1_555 ? ? ? ? ? ? WATSON-CRICK ? ? ? 
hydrog3  hydrog ? ? A DA 2 N1 ? ? ? 1_555 B DT 7 N3 ? ? A DA 2 B DT 15 1_555 ? ? ? ? ? ? WATSON-CRICK ? ? ? 
hydrog4  hydrog ? ? A DA 2 N6 ? ? ? 1_555 B DT 7 O4 ? ? A DA 2 B DT 15 1_555 ? ? ? ? ? ? WATSON-CRICK ? ? ? 
hydrog5  hydrog ? ? A DT 3 N3 ? ? ? 1_555 B DA 6 N1 ? ? A DT 3 B DA 14 1_555 ? ? ? ? ? ? WATSON-CRICK ? ? ? 
hydrog6  hydrog ? ? A DT 3 O4 ? ? ? 1_555 B DA 6 N6 ? ? A DT 3 B DA 14 1_555 ? ? ? ? ? ? WATSON-CRICK ? ? ? 
hydrog7  hydrog ? ? A DG 4 N1 ? ? ? 1_555 B DC 5 N3 ? ? A DG 4 B DC 13 1_555 ? ? ? ? ? ? WATSON-CRICK ? ? ? 
hydrog8  hydrog ? ? A DG 4 N2 ? ? ? 1_555 B DC 5 O2 ? ? A DG 4 B DC 13 1_555 ? ? ? ? ? ? WATSON-CRICK ? ? ? 
hydrog9  hydrog ? ? A DG 4 O6 ? ? ? 1_555 B DC 5 N4 ? ? A DG 4 B DC 13 1_555 ? ? ? ? ? ? WATSON-CRICK ? ? ? 
hydrog10 hydrog ? ? A DC 5 N3 ? ? ? 1_555 B DG 4 N1 ? ? A DC 5 B DG 12 1_555 ? ? ? ? ? ? WATSON-CRICK ? ? ? 
hydrog11 hydrog ? ? A DC 5 N4 ? ? ? 1_555 B DG 4 O6 ? ? A DC 5 B DG 12 1_555 ? ? ? ? ? ? WATSON-CRICK ? ? ? 
hydrog12 hydrog ? ? A DC 5 O2 ? ? ? 1_555 B DG 4 N2 ? ? A DC 5 B DG 12 1_555 ? ? ? ? ? ? WATSON-CRICK ? ? ? 
hydrog13 hydrog ? ? A DA 6 N1 ? ? ? 1_555 B DT 3 N3 ? ? A DA 6 B DT 11 1_555 ? ? ? ? ? ? WATSON-CRICK ? ? ? 
hydrog14 hydrog ? ? A DA 6 N6 ? ? ? 1_555 B DT 3 O4 ? ? A DA 6 B DT 11 1_555 ? ? ? ? ? ? WATSON-CRICK ? ? ? 
hydrog15 hydrog ? ? A DT 7 N3 ? ? ? 1_555 B DA 2 N1 ? ? A DT 7 B DA 10 1_555 ? ? ? ? ? ? WATSON-CRICK ? ? ? 
hydrog16 hydrog ? ? A DT 7 O4 ? ? ? 1_555 B DA 2 N6 ? ? A DT 7 B DA 10 1_555 ? ? ? ? ? ? WATSON-CRICK ? ? ? 
hydrog17 hydrog ? ? A DA 8 N1 ? ? ? 1_555 B DT 1 N3 ? ? A DA 8 B DT 9  1_555 ? ? ? ? ? ? WATSON-CRICK ? ? ? 
hydrog18 hydrog ? ? A DA 8 N6 ? ? ? 1_555 B DT 1 O4 ? ? A DA 8 B DT 9  1_555 ? ? ? ? ? ? WATSON-CRICK ? ? ? 
# 
_struct_conn_type.id          hydrog 
_struct_conn_type.criteria    ? 
_struct_conn_type.reference   ? 
# 
_struct_site.id                   AC1 
_struct_site.pdbx_evidence_code   Software 
_struct_site.pdbx_auth_asym_id    A 
_struct_site.pdbx_auth_comp_id    XR2 
_struct_site.pdbx_auth_seq_id     17 
_struct_site.pdbx_auth_ins_code   ? 
_struct_site.pdbx_num_residues    8 
_struct_site.details              'BINDING SITE FOR RESIDUE XR2 A 17' 
# 
loop_
_struct_site_gen.id 
_struct_site_gen.site_id 
_struct_site_gen.pdbx_num_res 
_struct_site_gen.label_comp_id 
_struct_site_gen.label_asym_id 
_struct_site_gen.label_seq_id 
_struct_site_gen.pdbx_auth_ins_code 
_struct_site_gen.auth_comp_id 
_struct_site_gen.auth_asym_id 
_struct_site_gen.auth_seq_id 
_struct_site_gen.label_atom_id 
_struct_site_gen.label_alt_id 
_struct_site_gen.symmetry 
_struct_site_gen.details 
1 AC1 8 DT A 3 ? DT A 3  . ? 1_555 ? 
2 AC1 8 DG A 4 ? DG A 4  . ? 1_555 ? 
3 AC1 8 DC A 5 ? DC A 5  . ? 1_555 ? 
4 AC1 8 DA A 6 ? DA A 6  . ? 1_555 ? 
5 AC1 8 DT B 3 ? DT B 11 . ? 1_555 ? 
6 AC1 8 DG B 4 ? DG B 12 . ? 1_555 ? 
7 AC1 8 DC B 5 ? DC B 13 . ? 1_555 ? 
8 AC1 8 DA B 6 ? DA B 14 . ? 1_555 ? 
# 
loop_
_pdbx_validate_rmsd_angle.id 
_pdbx_validate_rmsd_angle.PDB_model_num 
_pdbx_validate_rmsd_angle.auth_atom_id_1 
_pdbx_validate_rmsd_angle.auth_asym_id_1 
_pdbx_validate_rmsd_angle.auth_comp_id_1 
_pdbx_validate_rmsd_angle.auth_seq_id_1 
_pdbx_validate_rmsd_angle.PDB_ins_code_1 
_pdbx_validate_rmsd_angle.label_alt_id_1 
_pdbx_validate_rmsd_angle.auth_atom_id_2 
_pdbx_validate_rmsd_angle.auth_asym_id_2 
_pdbx_validate_rmsd_angle.auth_comp_id_2 
_pdbx_validate_rmsd_angle.auth_seq_id_2 
_pdbx_validate_rmsd_angle.PDB_ins_code_2 
_pdbx_validate_rmsd_angle.label_alt_id_2 
_pdbx_validate_rmsd_angle.auth_atom_id_3 
_pdbx_validate_rmsd_angle.auth_asym_id_3 
_pdbx_validate_rmsd_angle.auth_comp_id_3 
_pdbx_validate_rmsd_angle.auth_seq_id_3 
_pdbx_validate_rmsd_angle.PDB_ins_code_3 
_pdbx_validate_rmsd_angle.label_alt_id_3 
_pdbx_validate_rmsd_angle.angle_value 
_pdbx_validate_rmsd_angle.angle_target_value 
_pdbx_validate_rmsd_angle.angle_deviation 
_pdbx_validate_rmsd_angle.angle_standard_deviation 
_pdbx_validate_rmsd_angle.linker_flag 
1  1 C4    A DA 2  ? ? C5    A DA 2  ? ? C6 A DA 2  ? ? 113.79 117.00 -3.21 0.50 N 
2  1 C5    A DA 2  ? ? C6    A DA 2  ? ? N1 A DA 2  ? ? 120.92 117.70 3.22  0.50 N 
3  1 N1    A DA 2  ? ? C6    A DA 2  ? ? N6 A DA 2  ? ? 114.09 118.60 -4.51 0.60 N 
4  1 "O4'" A DG 4  ? ? "C1'" A DG 4  ? ? N9 A DG 4  ? ? 111.49 108.30 3.19  0.30 N 
5  1 "O4'" A DC 5  ? ? "C1'" A DC 5  ? ? N1 A DC 5  ? ? 112.21 108.30 3.91  0.30 N 
6  1 N3    A DC 5  ? ? C2    A DC 5  ? ? O2 A DC 5  ? ? 117.66 121.90 -4.24 0.70 N 
7  1 "O4'" A DA 6  ? ? "C1'" A DA 6  ? ? N9 A DA 6  ? ? 112.49 108.30 4.19  0.30 N 
8  1 C4    A DA 6  ? ? C5    A DA 6  ? ? C6 A DA 6  ? ? 113.83 117.00 -3.17 0.50 N 
9  1 C5    A DA 6  ? ? C6    A DA 6  ? ? N1 A DA 6  ? ? 121.50 117.70 3.80  0.50 N 
10 1 N1    A DA 6  ? ? C6    A DA 6  ? ? N6 A DA 6  ? ? 114.54 118.60 -4.06 0.60 N 
11 1 "O4'" A DT 7  ? ? "C1'" A DT 7  ? ? N1 A DT 7  ? ? 111.17 108.30 2.87  0.30 N 
12 1 C4    A DA 8  ? ? C5    A DA 8  ? ? C6 A DA 8  ? ? 113.86 117.00 -3.14 0.50 N 
13 1 C5    A DA 8  ? ? C6    A DA 8  ? ? N1 A DA 8  ? ? 121.17 117.70 3.47  0.50 N 
14 1 N1    A DA 8  ? ? C6    A DA 8  ? ? N6 A DA 8  ? ? 113.89 118.60 -4.71 0.60 N 
15 1 "O4'" B DT 9  ? ? "C1'" B DT 9  ? ? N1 B DT 9  ? ? 111.75 108.30 3.45  0.30 N 
16 1 C4    B DA 10 ? ? C5    B DA 10 ? ? C6 B DA 10 ? ? 113.25 117.00 -3.75 0.50 N 
17 1 C5    B DA 10 ? ? C6    B DA 10 ? ? N1 B DA 10 ? ? 121.05 117.70 3.35  0.50 N 
18 1 N1    B DA 10 ? ? C6    B DA 10 ? ? N6 B DA 10 ? ? 113.38 118.60 -5.22 0.60 N 
19 1 C6    B DT 11 ? ? C5    B DT 11 ? ? C7 B DT 11 ? ? 119.18 122.90 -3.72 0.60 N 
20 1 "O4'" B DG 12 ? ? "C1'" B DG 12 ? ? N9 B DG 12 ? ? 111.31 108.30 3.01  0.30 N 
21 1 "O4'" B DA 14 ? ? "C1'" B DA 14 ? ? N9 B DA 14 ? ? 110.69 108.30 2.39  0.30 N 
22 1 C4    B DA 14 ? ? C5    B DA 14 ? ? C6 B DA 14 ? ? 113.82 117.00 -3.18 0.50 N 
23 1 C5    B DA 14 ? ? C6    B DA 14 ? ? N1 B DA 14 ? ? 121.51 117.70 3.81  0.50 N 
24 1 N1    B DA 14 ? ? C6    B DA 14 ? ? N6 B DA 14 ? ? 114.37 118.60 -4.23 0.60 N 
25 1 "O4'" B DA 16 ? ? "C1'" B DA 16 ? ? N9 B DA 16 ? ? 110.13 108.30 1.83  0.30 N 
26 1 C4    B DA 16 ? ? C5    B DA 16 ? ? C6 B DA 16 ? ? 113.71 117.00 -3.29 0.50 N 
27 1 C5    B DA 16 ? ? C6    B DA 16 ? ? N1 B DA 16 ? ? 121.73 117.70 4.03  0.50 N 
28 1 N1    B DA 16 ? ? C6    B DA 16 ? ? N6 B DA 16 ? ? 114.44 118.60 -4.16 0.60 N 
# 
loop_
_pdbx_validate_planes.id 
_pdbx_validate_planes.PDB_model_num 
_pdbx_validate_planes.auth_comp_id 
_pdbx_validate_planes.auth_asym_id 
_pdbx_validate_planes.auth_seq_id 
_pdbx_validate_planes.PDB_ins_code 
_pdbx_validate_planes.label_alt_id 
_pdbx_validate_planes.rmsd 
_pdbx_validate_planes.type 
1 1 DT A 1  ? ? 0.082 'SIDE CHAIN' 
2 1 DA A 8  ? ? 0.064 'SIDE CHAIN' 
3 1 DT B 9  ? ? 0.065 'SIDE CHAIN' 
4 1 DA B 10 ? ? 0.073 'SIDE CHAIN' 
5 1 DT B 15 ? ? 0.084 'SIDE CHAIN' 
# 
_pdbx_nmr_ensemble.entry_id                             4BZU 
_pdbx_nmr_ensemble.conformers_calculated_total_number   1 
_pdbx_nmr_ensemble.conformers_submitted_total_number    1 
_pdbx_nmr_ensemble.conformer_selection_criteria         'DISTANCE RESTRAINTS' 
# 
_pdbx_nmr_sample_details.solution_id   1 
_pdbx_nmr_sample_details.contents      '10% WATER/90% D2O' 
# 
_pdbx_nmr_exptl_sample_conditions.conditions_id          1 
_pdbx_nmr_exptl_sample_conditions.temperature            288.0 
_pdbx_nmr_exptl_sample_conditions.pressure_units         atm 
_pdbx_nmr_exptl_sample_conditions.pressure               1.0 
_pdbx_nmr_exptl_sample_conditions.pH                     5.0 
_pdbx_nmr_exptl_sample_conditions.ionic_strength         80 
_pdbx_nmr_exptl_sample_conditions.ionic_strength_units   mM 
_pdbx_nmr_exptl_sample_conditions.pH_units               pH 
_pdbx_nmr_exptl_sample_conditions.temperature_units      K 
# 
loop_
_pdbx_nmr_exptl.experiment_id 
_pdbx_nmr_exptl.conditions_id 
_pdbx_nmr_exptl.type 
_pdbx_nmr_exptl.solution_id 
1 1 NOESY      1 
2 1 COSY       1 
3 1 TOCSY      1 
4 1 '31P HSQC' 1 
5 1 '15N HSQC' 1 
# 
_pdbx_nmr_details.entry_id   4BZU 
_pdbx_nmr_details.text       NONE 
# 
_pdbx_nmr_refine.entry_id           4BZU 
_pdbx_nmr_refine.method             'AMBER - MOLECULAR DYNAMICS' 
_pdbx_nmr_refine.details            ? 
_pdbx_nmr_refine.software_ordinal   1 
# 
loop_
_pdbx_nmr_software.classification 
_pdbx_nmr_software.name 
_pdbx_nmr_software.version 
_pdbx_nmr_software.authors 
_pdbx_nmr_software.ordinal 
refinement           Amber   ?   D.A.CASE,ET.AL. 1 
'structure solution' TopSpin 3.1 ?               2 
# 
loop_
_chem_comp_atom.comp_id 
_chem_comp_atom.atom_id 
_chem_comp_atom.type_symbol 
_chem_comp_atom.pdbx_aromatic_flag 
_chem_comp_atom.pdbx_stereo_config 
_chem_comp_atom.pdbx_ordinal 
DA  OP3    O N N 1   
DA  P      P N N 2   
DA  OP1    O N N 3   
DA  OP2    O N N 4   
DA  "O5'"  O N N 5   
DA  "C5'"  C N N 6   
DA  "C4'"  C N R 7   
DA  "O4'"  O N N 8   
DA  "C3'"  C N S 9   
DA  "O3'"  O N N 10  
DA  "C2'"  C N N 11  
DA  "C1'"  C N R 12  
DA  N9     N Y N 13  
DA  C8     C Y N 14  
DA  N7     N Y N 15  
DA  C5     C Y N 16  
DA  C6     C Y N 17  
DA  N6     N N N 18  
DA  N1     N Y N 19  
DA  C2     C Y N 20  
DA  N3     N Y N 21  
DA  C4     C Y N 22  
DA  HOP3   H N N 23  
DA  HOP2   H N N 24  
DA  "H5'"  H N N 25  
DA  "H5''" H N N 26  
DA  "H4'"  H N N 27  
DA  "H3'"  H N N 28  
DA  "HO3'" H N N 29  
DA  "H2'"  H N N 30  
DA  "H2''" H N N 31  
DA  "H1'"  H N N 32  
DA  H8     H N N 33  
DA  H61    H N N 34  
DA  H62    H N N 35  
DA  H2     H N N 36  
DC  OP3    O N N 37  
DC  P      P N N 38  
DC  OP1    O N N 39  
DC  OP2    O N N 40  
DC  "O5'"  O N N 41  
DC  "C5'"  C N N 42  
DC  "C4'"  C N R 43  
DC  "O4'"  O N N 44  
DC  "C3'"  C N S 45  
DC  "O3'"  O N N 46  
DC  "C2'"  C N N 47  
DC  "C1'"  C N R 48  
DC  N1     N N N 49  
DC  C2     C N N 50  
DC  O2     O N N 51  
DC  N3     N N N 52  
DC  C4     C N N 53  
DC  N4     N N N 54  
DC  C5     C N N 55  
DC  C6     C N N 56  
DC  HOP3   H N N 57  
DC  HOP2   H N N 58  
DC  "H5'"  H N N 59  
DC  "H5''" H N N 60  
DC  "H4'"  H N N 61  
DC  "H3'"  H N N 62  
DC  "HO3'" H N N 63  
DC  "H2'"  H N N 64  
DC  "H2''" H N N 65  
DC  "H1'"  H N N 66  
DC  H41    H N N 67  
DC  H42    H N N 68  
DC  H5     H N N 69  
DC  H6     H N N 70  
DG  OP3    O N N 71  
DG  P      P N N 72  
DG  OP1    O N N 73  
DG  OP2    O N N 74  
DG  "O5'"  O N N 75  
DG  "C5'"  C N N 76  
DG  "C4'"  C N R 77  
DG  "O4'"  O N N 78  
DG  "C3'"  C N S 79  
DG  "O3'"  O N N 80  
DG  "C2'"  C N N 81  
DG  "C1'"  C N R 82  
DG  N9     N Y N 83  
DG  C8     C Y N 84  
DG  N7     N Y N 85  
DG  C5     C Y N 86  
DG  C6     C N N 87  
DG  O6     O N N 88  
DG  N1     N N N 89  
DG  C2     C N N 90  
DG  N2     N N N 91  
DG  N3     N N N 92  
DG  C4     C Y N 93  
DG  HOP3   H N N 94  
DG  HOP2   H N N 95  
DG  "H5'"  H N N 96  
DG  "H5''" H N N 97  
DG  "H4'"  H N N 98  
DG  "H3'"  H N N 99  
DG  "HO3'" H N N 100 
DG  "H2'"  H N N 101 
DG  "H2''" H N N 102 
DG  "H1'"  H N N 103 
DG  H8     H N N 104 
DG  H1     H N N 105 
DG  H21    H N N 106 
DG  H22    H N N 107 
DT  OP3    O N N 108 
DT  P      P N N 109 
DT  OP1    O N N 110 
DT  OP2    O N N 111 
DT  "O5'"  O N N 112 
DT  "C5'"  C N N 113 
DT  "C4'"  C N R 114 
DT  "O4'"  O N N 115 
DT  "C3'"  C N S 116 
DT  "O3'"  O N N 117 
DT  "C2'"  C N N 118 
DT  "C1'"  C N R 119 
DT  N1     N N N 120 
DT  C2     C N N 121 
DT  O2     O N N 122 
DT  N3     N N N 123 
DT  C4     C N N 124 
DT  O4     O N N 125 
DT  C5     C N N 126 
DT  C7     C N N 127 
DT  C6     C N N 128 
DT  HOP3   H N N 129 
DT  HOP2   H N N 130 
DT  "H5'"  H N N 131 
DT  "H5''" H N N 132 
DT  "H4'"  H N N 133 
DT  "H3'"  H N N 134 
DT  "HO3'" H N N 135 
DT  "H2'"  H N N 136 
DT  "H2''" H N N 137 
DT  "H1'"  H N N 138 
DT  H3     H N N 139 
DT  H71    H N N 140 
DT  H72    H N N 141 
DT  H73    H N N 142 
DT  H6     H N N 143 
XR2 C1     C Y N 144 
XR2 C2     C Y N 145 
XR2 C3     C Y N 146 
XR2 C4     C Y N 147 
XR2 C12    C Y N 148 
XR2 C11    C Y N 149 
XR2 N5     N Y N 150 
XR2 N10    N Y N 151 
XR2 C13    C Y N 152 
XR2 C14    C Y N 153 
XR2 C6     C Y N 154 
XR2 C7     C Y N 155 
XR2 C8     C Y N 156 
XR2 C9     C Y N 157 
XR2 C9A    C N N 158 
XR2 C      C N N 159 
XR2 O      O N N 160 
XR2 N      N N N 161 
XR2 CA     C N N 162 
XR2 CB     C N N 163 
XR2 NG     N N N 164 
XR2 CD     C N N 165 
XR2 "N'"   N N N 166 
XR2 "C'"   C N N 167 
XR2 "O'"   O N N 168 
XR2 "C1'"  C Y N 169 
XR2 "C2'"  C Y N 170 
XR2 "C3'"  C Y N 171 
XR2 "C4'"  C Y N 172 
XR2 CCX    C Y N 173 
XR2 "N5'"  N Y N 174 
XR2 CDX    C Y N 175 
XR2 CEX    C Y N 176 
XR2 NAX    N Y N 177 
XR2 CBX    C Y N 178 
XR2 "C9'"  C Y N 179 
XR2 "C8'"  C Y N 180 
XR2 "C7'"  C Y N 181 
XR2 "C6'"  C Y N 182 
XR2 C9X    C N N 183 
XR2 "CA'"  C N N 184 
XR2 "CB'"  C N N 185 
XR2 "NG'"  N N N 186 
XR2 "CD'"  C N N 187 
XR2 H2     H N N 188 
XR2 H3     H N N 189 
XR2 H4     H N N 190 
XR2 H10    H N N 191 
XR2 H6     H N N 192 
XR2 H7     H N N 193 
XR2 H8     H N N 194 
XR2 H91    H N N 195 
XR2 H92    H N N 196 
XR2 H93    H N N 197 
XR2 HN     H N N 198 
XR2 HA1    H N N 199 
XR2 HA2    H N N 200 
XR2 HB1    H N N 201 
XR2 HB2    H N N 202 
XR2 HG1    H N N 203 
XR2 HG2    H N N 204 
XR2 HD1    H N N 205 
XR2 HD2    H N N 206 
XR2 "HN'"  H N N 207 
XR2 "H2'"  H N N 208 
XR2 "H3'"  H N N 209 
XR2 "H4'"  H N N 210 
XR2 "H10'" H N N 211 
XR2 "H8'"  H N N 212 
XR2 "H7'"  H N N 213 
XR2 "H6'"  H N N 214 
XR2 "H91'" H N N 215 
XR2 "H92'" H N N 216 
XR2 "H93'" H N N 217 
XR2 "HA1'" H N N 218 
XR2 "HA2'" H N N 219 
XR2 "HB1'" H N N 220 
XR2 "HB2'" H N N 221 
XR2 "HG1'" H N N 222 
XR2 "HG2'" H N N 223 
XR2 "HD1'" H N N 224 
XR2 "HD2'" H N N 225 
# 
loop_
_chem_comp_bond.comp_id 
_chem_comp_bond.atom_id_1 
_chem_comp_bond.atom_id_2 
_chem_comp_bond.value_order 
_chem_comp_bond.pdbx_aromatic_flag 
_chem_comp_bond.pdbx_stereo_config 
_chem_comp_bond.pdbx_ordinal 
DA  OP3   P      sing N N 1   
DA  OP3   HOP3   sing N N 2   
DA  P     OP1    doub N N 3   
DA  P     OP2    sing N N 4   
DA  P     "O5'"  sing N N 5   
DA  OP2   HOP2   sing N N 6   
DA  "O5'" "C5'"  sing N N 7   
DA  "C5'" "C4'"  sing N N 8   
DA  "C5'" "H5'"  sing N N 9   
DA  "C5'" "H5''" sing N N 10  
DA  "C4'" "O4'"  sing N N 11  
DA  "C4'" "C3'"  sing N N 12  
DA  "C4'" "H4'"  sing N N 13  
DA  "O4'" "C1'"  sing N N 14  
DA  "C3'" "O3'"  sing N N 15  
DA  "C3'" "C2'"  sing N N 16  
DA  "C3'" "H3'"  sing N N 17  
DA  "O3'" "HO3'" sing N N 18  
DA  "C2'" "C1'"  sing N N 19  
DA  "C2'" "H2'"  sing N N 20  
DA  "C2'" "H2''" sing N N 21  
DA  "C1'" N9     sing N N 22  
DA  "C1'" "H1'"  sing N N 23  
DA  N9    C8     sing Y N 24  
DA  N9    C4     sing Y N 25  
DA  C8    N7     doub Y N 26  
DA  C8    H8     sing N N 27  
DA  N7    C5     sing Y N 28  
DA  C5    C6     sing Y N 29  
DA  C5    C4     doub Y N 30  
DA  C6    N6     sing N N 31  
DA  C6    N1     doub Y N 32  
DA  N6    H61    sing N N 33  
DA  N6    H62    sing N N 34  
DA  N1    C2     sing Y N 35  
DA  C2    N3     doub Y N 36  
DA  C2    H2     sing N N 37  
DA  N3    C4     sing Y N 38  
DC  OP3   P      sing N N 39  
DC  OP3   HOP3   sing N N 40  
DC  P     OP1    doub N N 41  
DC  P     OP2    sing N N 42  
DC  P     "O5'"  sing N N 43  
DC  OP2   HOP2   sing N N 44  
DC  "O5'" "C5'"  sing N N 45  
DC  "C5'" "C4'"  sing N N 46  
DC  "C5'" "H5'"  sing N N 47  
DC  "C5'" "H5''" sing N N 48  
DC  "C4'" "O4'"  sing N N 49  
DC  "C4'" "C3'"  sing N N 50  
DC  "C4'" "H4'"  sing N N 51  
DC  "O4'" "C1'"  sing N N 52  
DC  "C3'" "O3'"  sing N N 53  
DC  "C3'" "C2'"  sing N N 54  
DC  "C3'" "H3'"  sing N N 55  
DC  "O3'" "HO3'" sing N N 56  
DC  "C2'" "C1'"  sing N N 57  
DC  "C2'" "H2'"  sing N N 58  
DC  "C2'" "H2''" sing N N 59  
DC  "C1'" N1     sing N N 60  
DC  "C1'" "H1'"  sing N N 61  
DC  N1    C2     sing N N 62  
DC  N1    C6     sing N N 63  
DC  C2    O2     doub N N 64  
DC  C2    N3     sing N N 65  
DC  N3    C4     doub N N 66  
DC  C4    N4     sing N N 67  
DC  C4    C5     sing N N 68  
DC  N4    H41    sing N N 69  
DC  N4    H42    sing N N 70  
DC  C5    C6     doub N N 71  
DC  C5    H5     sing N N 72  
DC  C6    H6     sing N N 73  
DG  OP3   P      sing N N 74  
DG  OP3   HOP3   sing N N 75  
DG  P     OP1    doub N N 76  
DG  P     OP2    sing N N 77  
DG  P     "O5'"  sing N N 78  
DG  OP2   HOP2   sing N N 79  
DG  "O5'" "C5'"  sing N N 80  
DG  "C5'" "C4'"  sing N N 81  
DG  "C5'" "H5'"  sing N N 82  
DG  "C5'" "H5''" sing N N 83  
DG  "C4'" "O4'"  sing N N 84  
DG  "C4'" "C3'"  sing N N 85  
DG  "C4'" "H4'"  sing N N 86  
DG  "O4'" "C1'"  sing N N 87  
DG  "C3'" "O3'"  sing N N 88  
DG  "C3'" "C2'"  sing N N 89  
DG  "C3'" "H3'"  sing N N 90  
DG  "O3'" "HO3'" sing N N 91  
DG  "C2'" "C1'"  sing N N 92  
DG  "C2'" "H2'"  sing N N 93  
DG  "C2'" "H2''" sing N N 94  
DG  "C1'" N9     sing N N 95  
DG  "C1'" "H1'"  sing N N 96  
DG  N9    C8     sing Y N 97  
DG  N9    C4     sing Y N 98  
DG  C8    N7     doub Y N 99  
DG  C8    H8     sing N N 100 
DG  N7    C5     sing Y N 101 
DG  C5    C6     sing N N 102 
DG  C5    C4     doub Y N 103 
DG  C6    O6     doub N N 104 
DG  C6    N1     sing N N 105 
DG  N1    C2     sing N N 106 
DG  N1    H1     sing N N 107 
DG  C2    N2     sing N N 108 
DG  C2    N3     doub N N 109 
DG  N2    H21    sing N N 110 
DG  N2    H22    sing N N 111 
DG  N3    C4     sing N N 112 
DT  OP3   P      sing N N 113 
DT  OP3   HOP3   sing N N 114 
DT  P     OP1    doub N N 115 
DT  P     OP2    sing N N 116 
DT  P     "O5'"  sing N N 117 
DT  OP2   HOP2   sing N N 118 
DT  "O5'" "C5'"  sing N N 119 
DT  "C5'" "C4'"  sing N N 120 
DT  "C5'" "H5'"  sing N N 121 
DT  "C5'" "H5''" sing N N 122 
DT  "C4'" "O4'"  sing N N 123 
DT  "C4'" "C3'"  sing N N 124 
DT  "C4'" "H4'"  sing N N 125 
DT  "O4'" "C1'"  sing N N 126 
DT  "C3'" "O3'"  sing N N 127 
DT  "C3'" "C2'"  sing N N 128 
DT  "C3'" "H3'"  sing N N 129 
DT  "O3'" "HO3'" sing N N 130 
DT  "C2'" "C1'"  sing N N 131 
DT  "C2'" "H2'"  sing N N 132 
DT  "C2'" "H2''" sing N N 133 
DT  "C1'" N1     sing N N 134 
DT  "C1'" "H1'"  sing N N 135 
DT  N1    C2     sing N N 136 
DT  N1    C6     sing N N 137 
DT  C2    O2     doub N N 138 
DT  C2    N3     sing N N 139 
DT  N3    C4     sing N N 140 
DT  N3    H3     sing N N 141 
DT  C4    O4     doub N N 142 
DT  C4    C5     sing N N 143 
DT  C5    C7     sing N N 144 
DT  C5    C6     doub N N 145 
DT  C7    H71    sing N N 146 
DT  C7    H72    sing N N 147 
DT  C7    H73    sing N N 148 
DT  C6    H6     sing N N 149 
XR2 C1    C2     doub Y N 150 
XR2 C1    C11    sing Y N 151 
XR2 C1    C      sing N N 152 
XR2 C2    C3     sing Y N 153 
XR2 C2    H2     sing N N 154 
XR2 C3    C4     doub Y N 155 
XR2 C3    H3     sing N N 156 
XR2 C4    C12    sing Y N 157 
XR2 C4    H4     sing N N 158 
XR2 C12   C11    sing Y N 159 
XR2 C12   N5     doub Y N 160 
XR2 C11   N10    doub Y N 161 
XR2 N5    C13    sing Y N 162 
XR2 N10   C14    sing Y N 163 
XR2 N10   H10    sing N N 164 
XR2 C13   C14    doub Y N 165 
XR2 C13   C6     sing Y N 166 
XR2 C14   C9     sing Y N 167 
XR2 C6    C7     doub Y N 168 
XR2 C6    H6     sing N N 169 
XR2 C7    C8     sing Y N 170 
XR2 C7    H7     sing N N 171 
XR2 C8    C9     doub Y N 172 
XR2 C8    H8     sing N N 173 
XR2 C9    C9A    sing N N 174 
XR2 C9A   H91    sing N N 175 
XR2 C9A   H92    sing N N 176 
XR2 C9A   H93    sing N N 177 
XR2 C     O      doub N N 178 
XR2 C     N      sing N N 179 
XR2 N     CA     sing N N 180 
XR2 N     HN     sing N N 181 
XR2 CA    CB     sing N N 182 
XR2 CA    HA1    sing N N 183 
XR2 CA    HA2    sing N N 184 
XR2 CB    NG     sing N N 185 
XR2 CB    HB1    sing N N 186 
XR2 CB    HB2    sing N N 187 
XR2 NG    CD     sing N N 188 
XR2 NG    HG1    sing N N 189 
XR2 NG    HG2    sing N N 190 
XR2 CD    "CD'"  sing N N 191 
XR2 CD    HD1    sing N N 192 
XR2 CD    HD2    sing N N 193 
XR2 "N'"  "C'"   sing N N 194 
XR2 "N'"  "CA'"  sing N N 195 
XR2 "N'"  "HN'"  sing N N 196 
XR2 "C'"  "O'"   doub N N 197 
XR2 "C'"  "C1'"  sing N N 198 
XR2 "C1'" "C2'"  doub Y N 199 
XR2 "C1'" CBX    sing Y N 200 
XR2 "C2'" "C3'"  sing Y N 201 
XR2 "C2'" "H2'"  sing N N 202 
XR2 "C3'" "C4'"  doub Y N 203 
XR2 "C3'" "H3'"  sing N N 204 
XR2 "C4'" CCX    sing Y N 205 
XR2 "C4'" "H4'"  sing N N 206 
XR2 CCX   "N5'"  doub Y N 207 
XR2 CCX   CBX    sing Y N 208 
XR2 "N5'" CDX    sing Y N 209 
XR2 CDX   CEX    doub Y N 210 
XR2 CDX   "C6'"  sing Y N 211 
XR2 CEX   NAX    sing Y N 212 
XR2 CEX   "C9'"  sing Y N 213 
XR2 NAX   CBX    doub Y N 214 
XR2 NAX   "H10'" sing N N 215 
XR2 "C9'" "C8'"  doub Y N 216 
XR2 "C9'" C9X    sing N N 217 
XR2 "C8'" "C7'"  sing Y N 218 
XR2 "C8'" "H8'"  sing N N 219 
XR2 "C7'" "C6'"  doub Y N 220 
XR2 "C7'" "H7'"  sing N N 221 
XR2 "C6'" "H6'"  sing N N 222 
XR2 C9X   "H91'" sing N N 223 
XR2 C9X   "H92'" sing N N 224 
XR2 C9X   "H93'" sing N N 225 
XR2 "CA'" "CB'"  sing N N 226 
XR2 "CA'" "HA1'" sing N N 227 
XR2 "CA'" "HA2'" sing N N 228 
XR2 "CB'" "NG'"  sing N N 229 
XR2 "CB'" "HB1'" sing N N 230 
XR2 "CB'" "HB2'" sing N N 231 
XR2 "NG'" "CD'"  sing N N 232 
XR2 "NG'" "HG1'" sing N N 233 
XR2 "NG'" "HG2'" sing N N 234 
XR2 "CD'" "HD1'" sing N N 235 
XR2 "CD'" "HD2'" sing N N 236 
# 
loop_
_ndb_struct_conf_na.entry_id 
_ndb_struct_conf_na.feature 
4BZU 'double helix'        
4BZU 'b-form double helix' 
# 
loop_
_ndb_struct_na_base_pair.model_number 
_ndb_struct_na_base_pair.i_label_asym_id 
_ndb_struct_na_base_pair.i_label_comp_id 
_ndb_struct_na_base_pair.i_label_seq_id 
_ndb_struct_na_base_pair.i_symmetry 
_ndb_struct_na_base_pair.j_label_asym_id 
_ndb_struct_na_base_pair.j_label_comp_id 
_ndb_struct_na_base_pair.j_label_seq_id 
_ndb_struct_na_base_pair.j_symmetry 
_ndb_struct_na_base_pair.shear 
_ndb_struct_na_base_pair.stretch 
_ndb_struct_na_base_pair.stagger 
_ndb_struct_na_base_pair.buckle 
_ndb_struct_na_base_pair.propeller 
_ndb_struct_na_base_pair.opening 
_ndb_struct_na_base_pair.pair_number 
_ndb_struct_na_base_pair.pair_name 
_ndb_struct_na_base_pair.i_auth_asym_id 
_ndb_struct_na_base_pair.i_auth_seq_id 
_ndb_struct_na_base_pair.i_PDB_ins_code 
_ndb_struct_na_base_pair.j_auth_asym_id 
_ndb_struct_na_base_pair.j_auth_seq_id 
_ndb_struct_na_base_pair.j_PDB_ins_code 
_ndb_struct_na_base_pair.hbond_type_28 
_ndb_struct_na_base_pair.hbond_type_12 
1 A DT 1 1_555 B DA 8 1_555 -0.384 0.149  -0.431 20.580 -2.072  -8.538 1 A_DT1:DA16_B A 1 ? B 16 ? 20 1 
1 A DA 2 1_555 B DT 7 1_555 0.147  -0.025 0.121  8.768  -11.777 0.322  2 A_DA2:DT15_B A 2 ? B 15 ? 20 1 
1 A DT 3 1_555 B DA 6 1_555 -0.287 0.042  0.010  6.401  -11.104 -5.283 3 A_DT3:DA14_B A 3 ? B 14 ? 20 1 
1 A DG 4 1_555 B DC 5 1_555 0.034  -0.060 0.122  -0.957 -8.007  -0.237 4 A_DG4:DC13_B A 4 ? B 13 ? 19 1 
1 A DC 5 1_555 B DG 4 1_555 0.203  -0.026 0.218  -4.085 -9.501  1.068  5 A_DC5:DG12_B A 5 ? B 12 ? 19 1 
1 A DA 6 1_555 B DT 3 1_555 0.159  0.053  0.177  -3.027 0.373   -5.246 6 A_DA6:DT11_B A 6 ? B 11 ? 20 1 
1 A DT 7 1_555 B DA 2 1_555 -0.145 -0.055 0.260  5.664  -7.233  2.924  7 A_DT7:DA10_B A 7 ? B 10 ? 20 1 
1 A DA 8 1_555 B DT 1 1_555 0.002  -0.020 -0.007 19.716 -9.077  1.545  8 A_DA8:DT9_B  A 8 ? B 9  ? 20 1 
# 
loop_
_ndb_struct_na_base_pair_step.model_number 
_ndb_struct_na_base_pair_step.i_label_asym_id_1 
_ndb_struct_na_base_pair_step.i_label_comp_id_1 
_ndb_struct_na_base_pair_step.i_label_seq_id_1 
_ndb_struct_na_base_pair_step.i_symmetry_1 
_ndb_struct_na_base_pair_step.j_label_asym_id_1 
_ndb_struct_na_base_pair_step.j_label_comp_id_1 
_ndb_struct_na_base_pair_step.j_label_seq_id_1 
_ndb_struct_na_base_pair_step.j_symmetry_1 
_ndb_struct_na_base_pair_step.i_label_asym_id_2 
_ndb_struct_na_base_pair_step.i_label_comp_id_2 
_ndb_struct_na_base_pair_step.i_label_seq_id_2 
_ndb_struct_na_base_pair_step.i_symmetry_2 
_ndb_struct_na_base_pair_step.j_label_asym_id_2 
_ndb_struct_na_base_pair_step.j_label_comp_id_2 
_ndb_struct_na_base_pair_step.j_label_seq_id_2 
_ndb_struct_na_base_pair_step.j_symmetry_2 
_ndb_struct_na_base_pair_step.shift 
_ndb_struct_na_base_pair_step.slide 
_ndb_struct_na_base_pair_step.rise 
_ndb_struct_na_base_pair_step.tilt 
_ndb_struct_na_base_pair_step.roll 
_ndb_struct_na_base_pair_step.twist 
_ndb_struct_na_base_pair_step.x_displacement 
_ndb_struct_na_base_pair_step.y_displacement 
_ndb_struct_na_base_pair_step.helical_rise 
_ndb_struct_na_base_pair_step.inclination 
_ndb_struct_na_base_pair_step.tip 
_ndb_struct_na_base_pair_step.helical_twist 
_ndb_struct_na_base_pair_step.step_number 
_ndb_struct_na_base_pair_step.step_name 
_ndb_struct_na_base_pair_step.i_auth_asym_id_1 
_ndb_struct_na_base_pair_step.i_auth_seq_id_1 
_ndb_struct_na_base_pair_step.i_PDB_ins_code_1 
_ndb_struct_na_base_pair_step.j_auth_asym_id_1 
_ndb_struct_na_base_pair_step.j_auth_seq_id_1 
_ndb_struct_na_base_pair_step.j_PDB_ins_code_1 
_ndb_struct_na_base_pair_step.i_auth_asym_id_2 
_ndb_struct_na_base_pair_step.i_auth_seq_id_2 
_ndb_struct_na_base_pair_step.i_PDB_ins_code_2 
_ndb_struct_na_base_pair_step.j_auth_asym_id_2 
_ndb_struct_na_base_pair_step.j_auth_seq_id_2 
_ndb_struct_na_base_pair_step.j_PDB_ins_code_2 
1 A DT 1 1_555 B DA 8 1_555 A DA 2 1_555 B DT 7 1_555 -0.311 1.188  4.359 -0.091 29.161 30.027 -2.980 0.423  3.992 45.118  0.140  
41.621 1 AA_DT1DA2:DT15DA16_BB A 1 ? B 16 ? A 2 ? B 15 ? 
1 A DA 2 1_555 B DT 7 1_555 A DT 3 1_555 B DA 6 1_555 -0.641 -0.698 3.434 -1.436 -4.167 32.562 -0.472 0.871  3.518 -7.389  2.546  
32.851 2 AA_DA2DT3:DA14DT15_BB A 2 ? B 15 ? A 3 ? B 14 ? 
1 A DT 3 1_555 B DA 6 1_555 A DG 4 1_555 B DC 5 1_555 -0.328 0.377  6.955 -4.285 -3.303 11.724 9.575  -8.785 6.332 -15.157 19.662 
12.908 3 AA_DT3DG4:DC13DA14_BB A 3 ? B 14 ? A 4 ? B 13 ? 
1 A DG 4 1_555 B DC 5 1_555 A DC 5 1_555 B DG 4 1_555 0.394  0.764  3.333 -1.525 -3.339 38.599 1.562  -0.782 3.241 -5.037  2.300  
38.767 4 AA_DG4DC5:DG12DC13_BB A 4 ? B 13 ? A 5 ? B 12 ? 
1 A DC 5 1_555 B DG 4 1_555 A DA 6 1_555 B DT 3 1_555 1.060  0.809  6.830 -1.674 -5.284 14.176 11.701 -6.741 5.970 -20.421 6.468  
15.216 5 AA_DC5DA6:DT11DG12_BB A 5 ? B 12 ? A 6 ? B 11 ? 
1 A DA 6 1_555 B DT 3 1_555 A DT 7 1_555 B DA 2 1_555 0.566  -0.338 3.227 -1.561 -1.145 22.229 -0.453 -2.038 3.193 -2.964  4.040  
22.312 6 AA_DA6DT7:DA10DT11_BB A 6 ? B 11 ? A 7 ? B 10 ? 
1 A DT 7 1_555 B DA 2 1_555 A DA 8 1_555 B DT 1 1_555 0.533  0.902  3.275 4.569  2.129  45.209 0.976  -0.280 3.348 2.759   -5.922 
45.475 7 AA_DT7DA8:DT9DA10_BB  A 7 ? B 10 ? A 8 ? B 9  ? 
# 
_pdbx_nmr_spectrometer.spectrometer_id   1 
_pdbx_nmr_spectrometer.model             AVANCE 
_pdbx_nmr_spectrometer.manufacturer      Bruker 
_pdbx_nmr_spectrometer.field_strength    700 
# 
_atom_sites.entry_id                    4BZU 
_atom_sites.fract_transf_matrix[1][1]   1.000000 
_atom_sites.fract_transf_matrix[1][2]   0.000000 
_atom_sites.fract_transf_matrix[1][3]   0.000000 
_atom_sites.fract_transf_matrix[2][1]   0.000000 
_atom_sites.fract_transf_matrix[2][2]   1.000000 
_atom_sites.fract_transf_matrix[2][3]   0.000000 
_atom_sites.fract_transf_matrix[3][1]   0.000000 
_atom_sites.fract_transf_matrix[3][2]   0.000000 
_atom_sites.fract_transf_matrix[3][3]   1.000000 
_atom_sites.fract_transf_vector[1]      0.00000 
_atom_sites.fract_transf_vector[2]      0.00000 
_atom_sites.fract_transf_vector[3]      0.00000 
# 
loop_
_atom_type.symbol 
C 
H 
N 
O 
P 
# 
loop_
_atom_site.group_PDB 
_atom_site.id 
_atom_site.type_symbol 
_atom_site.label_atom_id 
_atom_site.label_alt_id 
_atom_site.label_comp_id 
_atom_site.label_asym_id 
_atom_site.label_entity_id 
_atom_site.label_seq_id 
_atom_site.pdbx_PDB_ins_code 
_atom_site.Cartn_x 
_atom_site.Cartn_y 
_atom_site.Cartn_z 
_atom_site.occupancy 
_atom_site.B_iso_or_equiv 
_atom_site.pdbx_formal_charge 
_atom_site.auth_seq_id 
_atom_site.auth_comp_id 
_atom_site.auth_asym_id 
_atom_site.auth_atom_id 
_atom_site.pdbx_PDB_model_num 
ATOM   1   O "O5'"  . DT  A 1 1 ? -4.996 -19.489 11.529  1.00 0.00 ? 1  DT  A "O5'"  1 
ATOM   2   C "C5'"  . DT  A 1 1 ? -4.747 -18.141 11.169  1.00 0.00 ? 1  DT  A "C5'"  1 
ATOM   3   C "C4'"  . DT  A 1 1 ? -3.257 -17.789 11.278  1.00 0.00 ? 1  DT  A "C4'"  1 
ATOM   4   O "O4'"  . DT  A 1 1 ? -2.447 -18.584 10.428  1.00 0.00 ? 1  DT  A "O4'"  1 
ATOM   5   C "C3'"  . DT  A 1 1 ? -2.977 -16.345 10.856  1.00 0.00 ? 1  DT  A "C3'"  1 
ATOM   6   O "O3'"  . DT  A 1 1 ? -3.134 -15.472 11.963  1.00 0.00 ? 1  DT  A "O3'"  1 
ATOM   7   C "C2'"  . DT  A 1 1 ? -1.535 -16.413 10.353  1.00 0.00 ? 1  DT  A "C2'"  1 
ATOM   8   C "C1'"  . DT  A 1 1 ? -1.214 -17.911 10.237  1.00 0.00 ? 1  DT  A "C1'"  1 
ATOM   9   N N1     . DT  A 1 1 ? -0.664 -18.298 8.907   1.00 0.00 ? 1  DT  A N1     1 
ATOM   10  C C2     . DT  A 1 1 ? 0.624  -18.853 8.833   1.00 0.00 ? 1  DT  A C2     1 
ATOM   11  O O2     . DT  A 1 1 ? 1.376  -18.999 9.800   1.00 0.00 ? 1  DT  A O2     1 
ATOM   12  N N3     . DT  A 1 1 ? 1.033  -19.311 7.600   1.00 0.00 ? 1  DT  A N3     1 
ATOM   13  C C4     . DT  A 1 1 ? 0.247  -19.364 6.472   1.00 0.00 ? 1  DT  A C4     1 
ATOM   14  O O4     . DT  A 1 1 ? 0.675  -19.972 5.495   1.00 0.00 ? 1  DT  A O4     1 
ATOM   15  C C5     . DT  A 1 1 ? -1.059 -18.721 6.594   1.00 0.00 ? 1  DT  A C5     1 
ATOM   16  C C7     . DT  A 1 1 ? -1.993 -18.661 5.398   1.00 0.00 ? 1  DT  A C7     1 
ATOM   17  C C6     . DT  A 1 1 ? -1.462 -18.205 7.785   1.00 0.00 ? 1  DT  A C6     1 
ATOM   18  H "H5'"  . DT  A 1 1 ? -5.308 -17.486 11.840  1.00 0.00 ? 1  DT  A "H5'"  1 
ATOM   19  H "H5''" . DT  A 1 1 ? -5.091 -17.967 10.148  1.00 0.00 ? 1  DT  A "H5''" 1 
ATOM   20  H "H4'"  . DT  A 1 1 ? -2.940 -17.922 12.315  1.00 0.00 ? 1  DT  A "H4'"  1 
ATOM   21  H "H3'"  . DT  A 1 1 ? -3.648 -16.074 10.038  1.00 0.00 ? 1  DT  A "H3'"  1 
ATOM   22  H "H2'"  . DT  A 1 1 ? -1.470 -15.921 9.386   1.00 0.00 ? 1  DT  A "H2'"  1 
ATOM   23  H "H2''" . DT  A 1 1 ? -0.850 -15.939 11.056  1.00 0.00 ? 1  DT  A "H2''" 1 
ATOM   24  H "H1'"  . DT  A 1 1 ? -0.526 -18.195 11.039  1.00 0.00 ? 1  DT  A "H1'"  1 
ATOM   25  H H3     . DT  A 1 1 ? 1.977  -19.660 7.504   1.00 0.00 ? 1  DT  A H3     1 
ATOM   26  H H71    . DT  A 1 1 ? -2.218 -19.678 5.070   1.00 0.00 ? 1  DT  A H71    1 
ATOM   27  H H72    . DT  A 1 1 ? -2.921 -18.147 5.647   1.00 0.00 ? 1  DT  A H72    1 
ATOM   28  H H73    . DT  A 1 1 ? -1.495 -18.142 4.577   1.00 0.00 ? 1  DT  A H73    1 
ATOM   29  H H6     . DT  A 1 1 ? -2.447 -17.767 7.880   1.00 0.00 ? 1  DT  A H6     1 
ATOM   30  H "HO5'" . DT  A 1 1 ? -4.771 -20.078 10.781  1.00 0.00 ? 1  DT  A "HO5'" 1 
ATOM   31  P P      . DA  A 1 2 ? -3.345 -13.893 11.797  1.00 0.00 ? 2  DA  A P      1 
ATOM   32  O OP1    . DA  A 1 2 ? -3.867 -13.399 13.085  1.00 0.00 ? 2  DA  A OP1    1 
ATOM   33  O OP2    . DA  A 1 2 ? -4.164 -13.662 10.585  1.00 0.00 ? 2  DA  A OP2    1 
ATOM   34  O "O5'"  . DA  A 1 2 ? -1.856 -13.314 11.590  1.00 0.00 ? 2  DA  A "O5'"  1 
ATOM   35  C "C5'"  . DA  A 1 2 ? -0.935 -13.361 12.676  1.00 0.00 ? 2  DA  A "C5'"  1 
ATOM   36  C "C4'"  . DA  A 1 2 ? 0.454  -12.738 12.444  1.00 0.00 ? 2  DA  A "C4'"  1 
ATOM   37  O "O4'"  . DA  A 1 2 ? 1.164  -13.364 11.377  1.00 0.00 ? 2  DA  A "O4'"  1 
ATOM   38  C "C3'"  . DA  A 1 2 ? 0.464  -11.240 12.129  1.00 0.00 ? 2  DA  A "C3'"  1 
ATOM   39  O "O3'"  . DA  A 1 2 ? 1.696  -10.747 12.639  1.00 0.00 ? 2  DA  A "O3'"  1 
ATOM   40  C "C2'"  . DA  A 1 2 ? 0.387  -11.239 10.608  1.00 0.00 ? 2  DA  A "C2'"  1 
ATOM   41  C "C1'"  . DA  A 1 2 ? 1.203  -12.485 10.257  1.00 0.00 ? 2  DA  A "C1'"  1 
ATOM   42  N N9     . DA  A 1 2 ? 0.746  -13.231 9.061   1.00 0.00 ? 2  DA  A N9     1 
ATOM   43  C C8     . DA  A 1 2 ? -0.532 -13.479 8.609   1.00 0.00 ? 2  DA  A C8     1 
ATOM   44  N N7     . DA  A 1 2 ? -0.585 -14.241 7.545   1.00 0.00 ? 2  DA  A N7     1 
ATOM   45  C C5     . DA  A 1 2 ? 0.765  -14.509 7.279   1.00 0.00 ? 2  DA  A C5     1 
ATOM   46  C C6     . DA  A 1 2 ? 1.461  -15.281 6.319   1.00 0.00 ? 2  DA  A C6     1 
ATOM   47  N N6     . DA  A 1 2 ? 0.893  -16.004 5.374   1.00 0.00 ? 2  DA  A N6     1 
ATOM   48  N N1     . DA  A 1 2 ? 2.790  -15.357 6.337   1.00 0.00 ? 2  DA  A N1     1 
ATOM   49  C C2     . DA  A 1 2 ? 3.451  -14.693 7.270   1.00 0.00 ? 2  DA  A C2     1 
ATOM   50  N N3     . DA  A 1 2 ? 2.946  -13.952 8.254   1.00 0.00 ? 2  DA  A N3     1 
ATOM   51  C C4     . DA  A 1 2 ? 1.581  -13.897 8.193   1.00 0.00 ? 2  DA  A C4     1 
ATOM   52  H "H5'"  . DA  A 1 2 ? -0.792 -14.404 12.962  1.00 0.00 ? 2  DA  A "H5'"  1 
ATOM   53  H "H5''" . DA  A 1 2 ? -1.386 -12.849 13.529  1.00 0.00 ? 2  DA  A "H5''" 1 
ATOM   54  H "H4'"  . DA  A 1 2 ? 1.017  -12.890 13.366  1.00 0.00 ? 2  DA  A "H4'"  1 
ATOM   55  H "H3'"  . DA  A 1 2 ? -0.386 -10.721 12.578  1.00 0.00 ? 2  DA  A "H3'"  1 
ATOM   56  H "H2'"  . DA  A 1 2 ? -0.653 -11.333 10.297  1.00 0.00 ? 2  DA  A "H2'"  1 
ATOM   57  H "H2''" . DA  A 1 2 ? 0.826  -10.336 10.182  1.00 0.00 ? 2  DA  A "H2''" 1 
ATOM   58  H "H1'"  . DA  A 1 2 ? 2.236  -12.155 10.096  1.00 0.00 ? 2  DA  A "H1'"  1 
ATOM   59  H H8     . DA  A 1 2 ? -1.418 -13.102 9.107   1.00 0.00 ? 2  DA  A H8     1 
ATOM   60  H H61    . DA  A 1 2 ? 1.488  -16.523 4.734   1.00 0.00 ? 2  DA  A H61    1 
ATOM   61  H H62    . DA  A 1 2 ? -0.105 -15.991 5.293   1.00 0.00 ? 2  DA  A H62    1 
ATOM   62  H H2     . DA  A 1 2 ? 4.529  -14.779 7.241   1.00 0.00 ? 2  DA  A H2     1 
ATOM   63  P P      . DT  A 1 3 ? 2.136  -9.206  12.583  1.00 0.00 ? 3  DT  A P      1 
ATOM   64  O OP1    . DT  A 1 3 ? 2.820  -8.918  13.863  1.00 0.00 ? 3  DT  A OP1    1 
ATOM   65  O OP2    . DT  A 1 3 ? 0.999  -8.356  12.190  1.00 0.00 ? 3  DT  A OP2    1 
ATOM   66  O "O5'"  . DT  A 1 3 ? 3.228  -9.205  11.422  1.00 0.00 ? 3  DT  A "O5'"  1 
ATOM   67  C "C5'"  . DT  A 1 3 ? 4.529  -9.728  11.664  1.00 0.00 ? 3  DT  A "C5'"  1 
ATOM   68  C "C4'"  . DT  A 1 3 ? 5.408  -9.702  10.413  1.00 0.00 ? 3  DT  A "C4'"  1 
ATOM   69  O "O4'"  . DT  A 1 3 ? 4.853  -10.561 9.431   1.00 0.00 ? 3  DT  A "O4'"  1 
ATOM   70  C "C3'"  . DT  A 1 3 ? 5.547  -8.298  9.813   1.00 0.00 ? 3  DT  A "C3'"  1 
ATOM   71  O "O3'"  . DT  A 1 3 ? 6.899  -7.867  9.941   1.00 0.00 ? 3  DT  A "O3'"  1 
ATOM   72  C "C2'"  . DT  A 1 3 ? 5.109  -8.479  8.357   1.00 0.00 ? 3  DT  A "C2'"  1 
ATOM   73  C "C1'"  . DT  A 1 3 ? 5.084  -10.000 8.157   1.00 0.00 ? 3  DT  A "C1'"  1 
ATOM   74  N N1     . DT  A 1 3 ? 4.017  -10.490 7.238   1.00 0.00 ? 3  DT  A N1     1 
ATOM   75  C C2     . DT  A 1 3 ? 4.395  -11.300 6.157   1.00 0.00 ? 3  DT  A C2     1 
ATOM   76  O O2     . DT  A 1 3 ? 5.565  -11.557 5.886   1.00 0.00 ? 3  DT  A O2     1 
ATOM   77  N N3     . DT  A 1 3 ? 3.385  -11.792 5.364   1.00 0.00 ? 3  DT  A N3     1 
ATOM   78  C C4     . DT  A 1 3 ? 2.042  -11.538 5.528   1.00 0.00 ? 3  DT  A C4     1 
ATOM   79  O O4     . DT  A 1 3 ? 1.245  -12.055 4.753   1.00 0.00 ? 3  DT  A O4     1 
ATOM   80  C C5     . DT  A 1 3 ? 1.713  -10.662 6.652   1.00 0.00 ? 3  DT  A C5     1 
ATOM   81  C C7     . DT  A 1 3 ? 0.267  -10.283 6.919   1.00 0.00 ? 3  DT  A C7     1 
ATOM   82  C C6     . DT  A 1 3 ? 2.690  -10.185 7.469   1.00 0.00 ? 3  DT  A C6     1 
ATOM   83  H "H5'"  . DT  A 1 3 ? 4.450  -10.761 12.006  1.00 0.00 ? 3  DT  A "H5'"  1 
ATOM   84  H "H5''" . DT  A 1 3 ? 5.017  -9.141  12.445  1.00 0.00 ? 3  DT  A "H5''" 1 
ATOM   85  H "H4'"  . DT  A 1 3 ? 6.401  -10.064 10.678  1.00 0.00 ? 3  DT  A "H4'"  1 
ATOM   86  H "H3'"  . DT  A 1 3 ? 4.873  -7.607  10.323  1.00 0.00 ? 3  DT  A "H3'"  1 
ATOM   87  H "H2'"  . DT  A 1 3 ? 4.121  -8.041  8.230   1.00 0.00 ? 3  DT  A "H2'"  1 
ATOM   88  H "H2''" . DT  A 1 3 ? 5.805  -8.013  7.663   1.00 0.00 ? 3  DT  A "H2''" 1 
ATOM   89  H "H1'"  . DT  A 1 3 ? 6.068  -10.318 7.803   1.00 0.00 ? 3  DT  A "H1'"  1 
ATOM   90  H H3     . DT  A 1 3 ? 3.649  -12.386 4.590   1.00 0.00 ? 3  DT  A H3     1 
ATOM   91  H H71    . DT  A 1 3 ? -0.336 -11.185 7.008   1.00 0.00 ? 3  DT  A H71    1 
ATOM   92  H H72    . DT  A 1 3 ? 0.172  -9.685  7.826   1.00 0.00 ? 3  DT  A H72    1 
ATOM   93  H H73    . DT  A 1 3 ? -0.111 -9.710  6.071   1.00 0.00 ? 3  DT  A H73    1 
ATOM   94  H H6     . DT  A 1 3 ? 2.434  -9.567  8.321   1.00 0.00 ? 3  DT  A H6     1 
ATOM   95  P P      . DG  A 1 4 ? 7.299  -6.316  9.927   1.00 0.00 ? 4  DG  A P      1 
ATOM   96  O OP1    . DG  A 1 4 ? 8.697  -6.163  10.396  1.00 0.00 ? 4  DG  A OP1    1 
ATOM   97  O OP2    . DG  A 1 4 ? 6.238  -5.517  10.570  1.00 0.00 ? 4  DG  A OP2    1 
ATOM   98  O "O5'"  . DG  A 1 4 ? 7.288  -5.933  8.389   1.00 0.00 ? 4  DG  A "O5'"  1 
ATOM   99  C "C5'"  . DG  A 1 4 ? 8.261  -6.416  7.478   1.00 0.00 ? 4  DG  A "C5'"  1 
ATOM   100 C "C4'"  . DG  A 1 4 ? 8.202  -5.608  6.178   1.00 0.00 ? 4  DG  A "C4'"  1 
ATOM   101 O "O4'"  . DG  A 1 4 ? 7.092  -6.018  5.394   1.00 0.00 ? 4  DG  A "O4'"  1 
ATOM   102 C "C3'"  . DG  A 1 4 ? 8.060  -4.085  6.413   1.00 0.00 ? 4  DG  A "C3'"  1 
ATOM   103 O "O3'"  . DG  A 1 4 ? 9.097  -3.341  5.790   1.00 0.00 ? 4  DG  A "O3'"  1 
ATOM   104 C "C2'"  . DG  A 1 4 ? 6.718  -3.781  5.760   1.00 0.00 ? 4  DG  A "C2'"  1 
ATOM   105 C "C1'"  . DG  A 1 4 ? 6.674  -4.869  4.693   1.00 0.00 ? 4  DG  A "C1'"  1 
ATOM   106 N N9     . DG  A 1 4 ? 5.366  -5.083  4.030   1.00 0.00 ? 4  DG  A N9     1 
ATOM   107 C C8     . DG  A 1 4 ? 4.104  -4.677  4.397   1.00 0.00 ? 4  DG  A C8     1 
ATOM   108 N N7     . DG  A 1 4 ? 3.161  -5.021  3.554   1.00 0.00 ? 4  DG  A N7     1 
ATOM   109 C C5     . DG  A 1 4 ? 3.862  -5.693  2.537   1.00 0.00 ? 4  DG  A C5     1 
ATOM   110 C C6     . DG  A 1 4 ? 3.428  -6.344  1.324   1.00 0.00 ? 4  DG  A C6     1 
ATOM   111 O O6     . DG  A 1 4 ? 2.289  -6.505  0.883   1.00 0.00 ? 4  DG  A O6     1 
ATOM   112 N N1     . DG  A 1 4 ? 4.464  -6.869  0.581   1.00 0.00 ? 4  DG  A N1     1 
ATOM   113 C C2     . DG  A 1 4 ? 5.764  -6.798  0.942   1.00 0.00 ? 4  DG  A C2     1 
ATOM   114 N N2     . DG  A 1 4 ? 6.642  -7.322  0.140   1.00 0.00 ? 4  DG  A N2     1 
ATOM   115 N N3     . DG  A 1 4 ? 6.213  -6.242  2.059   1.00 0.00 ? 4  DG  A N3     1 
ATOM   116 C C4     . DG  A 1 4 ? 5.210  -5.707  2.820   1.00 0.00 ? 4  DG  A C4     1 
ATOM   117 H "H5'"  . DG  A 1 4 ? 8.083  -7.470  7.262   1.00 0.00 ? 4  DG  A "H5'"  1 
ATOM   118 H "H5''" . DG  A 1 4 ? 9.258  -6.321  7.903   1.00 0.00 ? 4  DG  A "H5''" 1 
ATOM   119 H "H4'"  . DG  A 1 4 ? 9.113  -5.791  5.609   1.00 0.00 ? 4  DG  A "H4'"  1 
ATOM   120 H "H3'"  . DG  A 1 4 ? 8.008  -3.831  7.473   1.00 0.00 ? 4  DG  A "H3'"  1 
ATOM   121 H "H2'"  . DG  A 1 4 ? 5.922  -3.924  6.493   1.00 0.00 ? 4  DG  A "H2'"  1 
ATOM   122 H "H2''" . DG  A 1 4 ? 6.689  -2.775  5.347   1.00 0.00 ? 4  DG  A "H2''" 1 
ATOM   123 H "H1'"  . DG  A 1 4 ? 7.417  -4.648  3.922   1.00 0.00 ? 4  DG  A "H1'"  1 
ATOM   124 H H8     . DG  A 1 4 ? 3.916  -4.133  5.311   1.00 0.00 ? 4  DG  A H8     1 
ATOM   125 H H1     . DG  A 1 4 ? 4.238  -7.348  -0.278  1.00 0.00 ? 4  DG  A H1     1 
ATOM   126 H H21    . DG  A 1 4 ? 6.352  -7.747  -0.739  1.00 0.00 ? 4  DG  A H21    1 
ATOM   127 H H22    . DG  A 1 4 ? 7.603  -7.208  0.385   1.00 0.00 ? 4  DG  A H22    1 
ATOM   128 P P      . DC  A 1 5 ? 10.541 -3.249  6.462   1.00 0.00 ? 5  DC  A P      1 
ATOM   129 O OP1    . DC  A 1 5 ? 10.763 -4.427  7.325   1.00 0.00 ? 5  DC  A OP1    1 
ATOM   130 O OP2    . DC  A 1 5 ? 10.685 -1.908  7.061   1.00 0.00 ? 5  DC  A OP2    1 
ATOM   131 O "O5'"  . DC  A 1 5 ? 11.609 -3.248  5.283   1.00 0.00 ? 5  DC  A "O5'"  1 
ATOM   132 C "C5'"  . DC  A 1 5 ? 11.705 -4.290  4.319   1.00 0.00 ? 5  DC  A "C5'"  1 
ATOM   133 C "C4'"  . DC  A 1 5 ? 11.098 -3.908  2.955   1.00 0.00 ? 5  DC  A "C4'"  1 
ATOM   134 O "O4'"  . DC  A 1 5 ? 9.701  -4.138  2.828   1.00 0.00 ? 5  DC  A "O4'"  1 
ATOM   135 C "C3'"  . DC  A 1 5 ? 11.254 -2.435  2.597   1.00 0.00 ? 5  DC  A "C3'"  1 
ATOM   136 O "O3'"  . DC  A 1 5 ? 12.600 -2.110  2.271   1.00 0.00 ? 5  DC  A "O3'"  1 
ATOM   137 C "C2'"  . DC  A 1 5 ? 10.270 -2.316  1.432   1.00 0.00 ? 5  DC  A "C2'"  1 
ATOM   138 C "C1'"  . DC  A 1 5 ? 9.303  -3.498  1.620   1.00 0.00 ? 5  DC  A "C1'"  1 
ATOM   139 N N1     . DC  A 1 5 ? 7.862  -3.097  1.642   1.00 0.00 ? 5  DC  A N1     1 
ATOM   140 C C2     . DC  A 1 5 ? 7.026  -3.504  0.589   1.00 0.00 ? 5  DC  A C2     1 
ATOM   141 O O2     . DC  A 1 5 ? 7.468  -4.118  -0.378  1.00 0.00 ? 5  DC  A O2     1 
ATOM   142 N N3     . DC  A 1 5 ? 5.701  -3.223  0.604   1.00 0.00 ? 5  DC  A N3     1 
ATOM   143 C C4     . DC  A 1 5 ? 5.220  -2.528  1.611   1.00 0.00 ? 5  DC  A C4     1 
ATOM   144 N N4     . DC  A 1 5 ? 3.933  -2.342  1.576   1.00 0.00 ? 5  DC  A N4     1 
ATOM   145 C C5     . DC  A 1 5 ? 6.018  -2.035  2.679   1.00 0.00 ? 5  DC  A C5     1 
ATOM   146 C C6     . DC  A 1 5 ? 7.347  -2.334  2.660   1.00 0.00 ? 5  DC  A C6     1 
ATOM   147 H "H5'"  . DC  A 1 5 ? 11.242 -5.207  4.686   1.00 0.00 ? 5  DC  A "H5'"  1 
ATOM   148 H "H5''" . DC  A 1 5 ? 12.764 -4.491  4.155   1.00 0.00 ? 5  DC  A "H5''" 1 
ATOM   149 H "H4'"  . DC  A 1 5 ? 11.618 -4.488  2.191   1.00 0.00 ? 5  DC  A "H4'"  1 
ATOM   150 H "H3'"  . DC  A 1 5 ? 10.888 -1.832  3.428   1.00 0.00 ? 5  DC  A "H3'"  1 
ATOM   151 H "H2'"  . DC  A 1 5 ? 9.765  -1.354  1.467   1.00 0.00 ? 5  DC  A "H2'"  1 
ATOM   152 H "H2''" . DC  A 1 5 ? 10.784 -2.436  0.481   1.00 0.00 ? 5  DC  A "H2''" 1 
ATOM   153 H "H1'"  . DC  A 1 5 ? 9.463  -4.195  0.791   1.00 0.00 ? 5  DC  A "H1'"  1 
ATOM   154 H H41    . DC  A 1 5 ? 3.452  -2.724  0.774   1.00 0.00 ? 5  DC  A H41    1 
ATOM   155 H H42    . DC  A 1 5 ? 3.465  -1.826  2.302   1.00 0.00 ? 5  DC  A H42    1 
ATOM   156 H H5     . DC  A 1 5 ? 5.604  -1.450  3.484   1.00 0.00 ? 5  DC  A H5     1 
ATOM   157 H H6     . DC  A 1 5 ? 8.008  -2.008  3.457   1.00 0.00 ? 5  DC  A H6     1 
ATOM   158 P P      . DA  A 1 6 ? 13.146 -0.611  2.411   1.00 0.00 ? 6  DA  A P      1 
ATOM   159 O OP1    . DA  A 1 6 ? 14.611 -0.576  2.180   1.00 0.00 ? 6  DA  A OP1    1 
ATOM   160 O OP2    . DA  A 1 6 ? 12.646 -0.080  3.701   1.00 0.00 ? 6  DA  A OP2    1 
ATOM   161 O "O5'"  . DA  A 1 6 ? 12.440 0.173   1.211   1.00 0.00 ? 6  DA  A "O5'"  1 
ATOM   162 C "C5'"  . DA  A 1 6 ? 12.696 -0.203  -0.138  1.00 0.00 ? 6  DA  A "C5'"  1 
ATOM   163 C "C4'"  . DA  A 1 6 ? 12.101 0.752   -1.179  1.00 0.00 ? 6  DA  A "C4'"  1 
ATOM   164 O "O4'"  . DA  A 1 6 ? 10.713 1.018   -1.009  1.00 0.00 ? 6  DA  A "O4'"  1 
ATOM   165 C "C3'"  . DA  A 1 6 ? 12.814 2.107   -1.186  1.00 0.00 ? 6  DA  A "C3'"  1 
ATOM   166 O "O3'"  . DA  A 1 6 ? 13.546 2.202   -2.399  1.00 0.00 ? 6  DA  A "O3'"  1 
ATOM   167 C "C2'"  . DA  A 1 6 ? 11.666 3.111   -1.118  1.00 0.00 ? 6  DA  A "C2'"  1 
ATOM   168 C "C1'"  . DA  A 1 6 ? 10.493 2.275   -1.624  1.00 0.00 ? 6  DA  A "C1'"  1 
ATOM   169 N N9     . DA  A 1 6 ? 9.156  2.834   -1.311  1.00 0.00 ? 6  DA  A N9     1 
ATOM   170 C C8     . DA  A 1 6 ? 8.759  3.612   -0.247  1.00 0.00 ? 6  DA  A C8     1 
ATOM   171 N N7     . DA  A 1 6 ? 7.492  3.929   -0.250  1.00 0.00 ? 6  DA  A N7     1 
ATOM   172 C C5     . DA  A 1 6 ? 7.020  3.321   -1.426  1.00 0.00 ? 6  DA  A C5     1 
ATOM   173 C C6     . DA  A 1 6 ? 5.761  3.220   -2.065  1.00 0.00 ? 6  DA  A C6     1 
ATOM   174 N N6     . DA  A 1 6 ? 4.654  3.757   -1.597  1.00 0.00 ? 6  DA  A N6     1 
ATOM   175 N N1     . DA  A 1 6 ? 5.610  2.543   -3.205  1.00 0.00 ? 6  DA  A N1     1 
ATOM   176 C C2     . DA  A 1 6 ? 6.691  1.986   -3.737  1.00 0.00 ? 6  DA  A C2     1 
ATOM   177 N N3     . DA  A 1 6 ? 7.933  1.995   -3.263  1.00 0.00 ? 6  DA  A N3     1 
ATOM   178 C C4     . DA  A 1 6 ? 8.029  2.676   -2.087  1.00 0.00 ? 6  DA  A C4     1 
ATOM   179 H "H5'"  . DA  A 1 6 ? 12.311 -1.203  -0.324  1.00 0.00 ? 6  DA  A "H5'"  1 
ATOM   180 H "H5''" . DA  A 1 6 ? 13.775 -0.239  -0.298  1.00 0.00 ? 6  DA  A "H5''" 1 
ATOM   181 H "H4'"  . DA  A 1 6 ? 12.240 0.299   -2.161  1.00 0.00 ? 6  DA  A "H4'"  1 
ATOM   182 H "H3'"  . DA  A 1 6 ? 13.468 2.206   -0.315  1.00 0.00 ? 6  DA  A "H3'"  1 
ATOM   183 H "H2'"  . DA  A 1 6 ? 11.520 3.404   -0.080  1.00 0.00 ? 6  DA  A "H2'"  1 
ATOM   184 H "H2''" . DA  A 1 6 ? 11.840 3.983   -1.744  1.00 0.00 ? 6  DA  A "H2''" 1 
ATOM   185 H "H1'"  . DA  A 1 6 ? 10.576 2.161   -2.709  1.00 0.00 ? 6  DA  A "H1'"  1 
ATOM   186 H H8     . DA  A 1 6 ? 9.433  3.920   0.541   1.00 0.00 ? 6  DA  A H8     1 
ATOM   187 H H61    . DA  A 1 6 ? 3.793  3.631   -2.116  1.00 0.00 ? 6  DA  A H61    1 
ATOM   188 H H62    . DA  A 1 6 ? 4.709  4.312   -0.764  1.00 0.00 ? 6  DA  A H62    1 
ATOM   189 H H2     . DA  A 1 6 ? 6.542  1.455   -4.668  1.00 0.00 ? 6  DA  A H2     1 
ATOM   190 P P      . DT  A 1 7 ? 14.648 3.322   -2.650  1.00 0.00 ? 7  DT  A P      1 
ATOM   191 O OP1    . DT  A 1 7 ? 15.566 2.769   -3.670  1.00 0.00 ? 7  DT  A OP1    1 
ATOM   192 O OP2    . DT  A 1 7 ? 15.212 3.691   -1.332  1.00 0.00 ? 7  DT  A OP2    1 
ATOM   193 O "O5'"  . DT  A 1 7 ? 13.841 4.560   -3.278  1.00 0.00 ? 7  DT  A "O5'"  1 
ATOM   194 C "C5'"  . DT  A 1 7 ? 13.579 4.655   -4.676  1.00 0.00 ? 7  DT  A "C5'"  1 
ATOM   195 C "C4'"  . DT  A 1 7 ? 12.770 3.472   -5.248  1.00 0.00 ? 7  DT  A "C4'"  1 
ATOM   196 O "O4'"  . DT  A 1 7 ? 11.529 3.344   -4.568  1.00 0.00 ? 7  DT  A "O4'"  1 
ATOM   197 C "C3'"  . DT  A 1 7 ? 12.447 3.701   -6.730  1.00 0.00 ? 7  DT  A "C3'"  1 
ATOM   198 O "O3'"  . DT  A 1 7 ? 12.357 2.465   -7.433  1.00 0.00 ? 7  DT  A "O3'"  1 
ATOM   199 C "C2'"  . DT  A 1 7 ? 11.095 4.397   -6.643  1.00 0.00 ? 7  DT  A "C2'"  1 
ATOM   200 C "C1'"  . DT  A 1 7 ? 10.462 3.748   -5.414  1.00 0.00 ? 7  DT  A "C1'"  1 
ATOM   201 N N1     . DT  A 1 7 ? 9.532  4.668   -4.702  1.00 0.00 ? 7  DT  A N1     1 
ATOM   202 C C2     . DT  A 1 7 ? 8.200  4.689   -5.128  1.00 0.00 ? 7  DT  A C2     1 
ATOM   203 O O2     . DT  A 1 7 ? 7.787  4.087   -6.114  1.00 0.00 ? 7  DT  A O2     1 
ATOM   204 N N3     . DT  A 1 7 ? 7.330  5.437   -4.378  1.00 0.00 ? 7  DT  A N3     1 
ATOM   205 C C4     . DT  A 1 7 ? 7.636  6.177   -3.265  1.00 0.00 ? 7  DT  A C4     1 
ATOM   206 O O4     . DT  A 1 7 ? 6.727  6.765   -2.684  1.00 0.00 ? 7  DT  A O4     1 
ATOM   207 C C5     . DT  A 1 7 ? 9.055  6.166   -2.904  1.00 0.00 ? 7  DT  A C5     1 
ATOM   208 C C7     . DT  A 1 7 ? 9.538  6.963   -1.705  1.00 0.00 ? 7  DT  A C7     1 
ATOM   209 C C6     . DT  A 1 7 ? 9.946  5.431   -3.625  1.00 0.00 ? 7  DT  A C6     1 
ATOM   210 H "H5'"  . DT  A 1 7 ? 14.532 4.712   -5.205  1.00 0.00 ? 7  DT  A "H5'"  1 
ATOM   211 H "H5''" . DT  A 1 7 ? 13.034 5.579   -4.860  1.00 0.00 ? 7  DT  A "H5''" 1 
ATOM   212 H "H4'"  . DT  A 1 7 ? 13.349 2.555   -5.140  1.00 0.00 ? 7  DT  A "H4'"  1 
ATOM   213 H "H3'"  . DT  A 1 7 ? 13.190 4.357   -7.189  1.00 0.00 ? 7  DT  A "H3'"  1 
ATOM   214 H "H2'"  . DT  A 1 7 ? 11.240 5.462   -6.468  1.00 0.00 ? 7  DT  A "H2'"  1 
ATOM   215 H "H2''" . DT  A 1 7 ? 10.491 4.230   -7.534  1.00 0.00 ? 7  DT  A "H2''" 1 
ATOM   216 H "H1'"  . DT  A 1 7 ? 9.914  2.857   -5.739  1.00 0.00 ? 7  DT  A "H1'"  1 
ATOM   217 H H3     . DT  A 1 7 ? 6.363  5.426   -4.667  1.00 0.00 ? 7  DT  A H3     1 
ATOM   218 H H71    . DT  A 1 7 ? 8.995  6.633   -0.818  1.00 0.00 ? 7  DT  A H71    1 
ATOM   219 H H72    . DT  A 1 7 ? 10.608 6.833   -1.546  1.00 0.00 ? 7  DT  A H72    1 
ATOM   220 H H73    . DT  A 1 7 ? 9.316  8.018   -1.862  1.00 0.00 ? 7  DT  A H73    1 
ATOM   221 H H6     . DT  A 1 7 ? 10.991 5.412   -3.345  1.00 0.00 ? 7  DT  A H6     1 
ATOM   222 P P      . DA  A 1 8 ? 12.845 2.336   -8.948  1.00 0.00 ? 8  DA  A P      1 
ATOM   223 O OP1    . DA  A 1 8 ? 12.793 0.901   -9.299  1.00 0.00 ? 8  DA  A OP1    1 
ATOM   224 O OP2    . DA  A 1 8 ? 14.186 2.948   -8.964  1.00 0.00 ? 8  DA  A OP2    1 
ATOM   225 O "O5'"  . DA  A 1 8 ? 11.846 3.194   -9.855  1.00 0.00 ? 8  DA  A "O5'"  1 
ATOM   226 C "C5'"  . DA  A 1 8 ? 10.592 2.679   -10.282 1.00 0.00 ? 8  DA  A "C5'"  1 
ATOM   227 C "C4'"  . DA  A 1 8 ? 9.693  3.753   -10.922 1.00 0.00 ? 8  DA  A "C4'"  1 
ATOM   228 O "O4'"  . DA  A 1 8 ? 9.173  4.607   -9.909  1.00 0.00 ? 8  DA  A "O4'"  1 
ATOM   229 C "C3'"  . DA  A 1 8 ? 10.419 4.650   -11.942 1.00 0.00 ? 8  DA  A "C3'"  1 
ATOM   230 O "O3'"  . DA  A 1 8 ? 9.593  4.929   -13.067 1.00 0.00 ? 8  DA  A "O3'"  1 
ATOM   231 C "C2'"  . DA  A 1 8 ? 10.631 5.934   -11.146 1.00 0.00 ? 8  DA  A "C2'"  1 
ATOM   232 C "C1'"  . DA  A 1 8 ? 9.356  5.953   -10.299 1.00 0.00 ? 8  DA  A "C1'"  1 
ATOM   233 N N9     . DA  A 1 8 ? 9.405  6.803   -9.085  1.00 0.00 ? 8  DA  A N9     1 
ATOM   234 C C8     . DA  A 1 8 ? 10.499 7.291   -8.406  1.00 0.00 ? 8  DA  A C8     1 
ATOM   235 N N7     . DA  A 1 8 ? 10.216 7.893   -7.281  1.00 0.00 ? 8  DA  A N7     1 
ATOM   236 C C5     . DA  A 1 8 ? 8.815  7.818   -7.236  1.00 0.00 ? 8  DA  A C5     1 
ATOM   237 C C6     . DA  A 1 8 ? 7.828  8.236   -6.315  1.00 0.00 ? 8  DA  A C6     1 
ATOM   238 N N6     . DA  A 1 8 ? 8.073  8.834   -5.165  1.00 0.00 ? 8  DA  A N6     1 
ATOM   239 N N1     . DA  A 1 8 ? 6.536  8.042   -6.556  1.00 0.00 ? 8  DA  A N1     1 
ATOM   240 C C2     . DA  A 1 8 ? 6.188  7.453   -7.691  1.00 0.00 ? 8  DA  A C2     1 
ATOM   241 N N3     . DA  A 1 8 ? 6.986  7.024   -8.667  1.00 0.00 ? 8  DA  A N3     1 
ATOM   242 C C4     . DA  A 1 8 ? 8.307  7.205   -8.353  1.00 0.00 ? 8  DA  A C4     1 
ATOM   243 H "H5'"  . DA  A 1 8 ? 10.063 2.256   -9.425  1.00 0.00 ? 8  DA  A "H5'"  1 
ATOM   244 H "H5''" . DA  A 1 8 ? 10.763 1.880   -11.005 1.00 0.00 ? 8  DA  A "H5''" 1 
ATOM   245 H "H4'"  . DA  A 1 8 ? 8.863  3.254   -11.423 1.00 0.00 ? 8  DA  A "H4'"  1 
ATOM   246 H "H3'"  . DA  A 1 8 ? 11.371 4.210   -12.247 1.00 0.00 ? 8  DA  A "H3'"  1 
ATOM   247 H "HO3'" . DA  A 1 8 ? 10.134 5.296   -13.775 1.00 0.00 ? 8  DA  A "HO3'" 1 
ATOM   248 H "H2'"  . DA  A 1 8 ? 11.518 5.822   -10.522 1.00 0.00 ? 8  DA  A "H2'"  1 
ATOM   249 H "H2''" . DA  A 1 8 ? 10.709 6.812   -11.787 1.00 0.00 ? 8  DA  A "H2''" 1 
ATOM   250 H "H1'"  . DA  A 1 8 ? 8.513  6.257   -10.927 1.00 0.00 ? 8  DA  A "H1'"  1 
ATOM   251 H H8     . DA  A 1 8 ? 11.515 7.150   -8.750  1.00 0.00 ? 8  DA  A H8     1 
ATOM   252 H H61    . DA  A 1 8 ? 7.287  9.077   -4.571  1.00 0.00 ? 8  DA  A H61    1 
ATOM   253 H H62    . DA  A 1 8 ? 9.024  9.010   -4.905  1.00 0.00 ? 8  DA  A H62    1 
ATOM   254 H H2     . DA  A 1 8 ? 5.125  7.326   -7.850  1.00 0.00 ? 8  DA  A H2     1 
ATOM   255 O "O5'"  . DT  B 1 1 ? -1.447 14.119  -5.344  1.00 0.00 ? 9  DT  B "O5'"  1 
ATOM   256 C "C5'"  . DT  B 1 1 ? -1.822 12.755  -5.197  1.00 0.00 ? 9  DT  B "C5'"  1 
ATOM   257 C "C4'"  . DT  B 1 1 ? -0.948 11.827  -6.057  1.00 0.00 ? 9  DT  B "C4'"  1 
ATOM   258 O "O4'"  . DT  B 1 1 ? 0.415  11.924  -5.682  1.00 0.00 ? 9  DT  B "O4'"  1 
ATOM   259 C "C3'"  . DT  B 1 1 ? -1.331 10.349  -5.899  1.00 0.00 ? 9  DT  B "C3'"  1 
ATOM   260 O "O3'"  . DT  B 1 1 ? -2.098 9.918   -7.015  1.00 0.00 ? 9  DT  B "O3'"  1 
ATOM   261 C "C2'"  . DT  B 1 1 ? 0.019  9.632   -5.795  1.00 0.00 ? 9  DT  B "C2'"  1 
ATOM   262 C "C1'"  . DT  B 1 1 ? 1.056  10.720  -6.058  1.00 0.00 ? 9  DT  B "C1'"  1 
ATOM   263 N N1     . DT  B 1 1 ? 2.322  10.508  -5.297  1.00 0.00 ? 9  DT  B N1     1 
ATOM   264 C C2     . DT  B 1 1 ? 3.309  9.705   -5.882  1.00 0.00 ? 9  DT  B C2     1 
ATOM   265 O O2     . DT  B 1 1 ? 3.158  9.101   -6.940  1.00 0.00 ? 9  DT  B O2     1 
ATOM   266 N N3     . DT  B 1 1 ? 4.507  9.614   -5.215  1.00 0.00 ? 9  DT  B N3     1 
ATOM   267 C C4     . DT  B 1 1 ? 4.839  10.269  -4.052  1.00 0.00 ? 9  DT  B C4     1 
ATOM   268 O O4     . DT  B 1 1 ? 5.995  10.191  -3.630  1.00 0.00 ? 9  DT  B O4     1 
ATOM   269 C C5     . DT  B 1 1 ? 3.743  11.029  -3.450  1.00 0.00 ? 9  DT  B C5     1 
ATOM   270 C C7     . DT  B 1 1 ? 3.955  11.758  -2.132  1.00 0.00 ? 9  DT  B C7     1 
ATOM   271 C C6     . DT  B 1 1 ? 2.539  11.122  -4.077  1.00 0.00 ? 9  DT  B C6     1 
ATOM   272 H "H5'"  . DT  B 1 1 ? -2.866 12.627  -5.488  1.00 0.00 ? 9  DT  B "H5'"  1 
ATOM   273 H "H5''" . DT  B 1 1 ? -1.714 12.462  -4.150  1.00 0.00 ? 9  DT  B "H5''" 1 
ATOM   274 H "H4'"  . DT  B 1 1 ? -1.054 12.104  -7.108  1.00 0.00 ? 9  DT  B "H4'"  1 
ATOM   275 H "H3'"  . DT  B 1 1 ? -1.893 10.209  -4.973  1.00 0.00 ? 9  DT  B "H3'"  1 
ATOM   276 H "H2'"  . DT  B 1 1 ? 0.138  9.222   -4.792  1.00 0.00 ? 9  DT  B "H2'"  1 
ATOM   277 H "H2''" . DT  B 1 1 ? 0.119  8.844   -6.541  1.00 0.00 ? 9  DT  B "H2''" 1 
ATOM   278 H "H1'"  . DT  B 1 1 ? 1.274  10.744  -7.130  1.00 0.00 ? 9  DT  B "H1'"  1 
ATOM   279 H H3     . DT  B 1 1 ? 5.216  9.042   -5.651  1.00 0.00 ? 9  DT  B H3     1 
ATOM   280 H H71    . DT  B 1 1 ? 4.784  12.457  -2.236  1.00 0.00 ? 9  DT  B H71    1 
ATOM   281 H H72    . DT  B 1 1 ? 3.061  12.305  -1.834  1.00 0.00 ? 9  DT  B H72    1 
ATOM   282 H H73    . DT  B 1 1 ? 4.213  11.034  -1.359  1.00 0.00 ? 9  DT  B H73    1 
ATOM   283 H H6     . DT  B 1 1 ? 1.746  11.717  -3.644  1.00 0.00 ? 9  DT  B H6     1 
ATOM   284 H "HO5'" . DT  B 1 1 ? -1.839 14.647  -4.610  1.00 0.00 ? 9  DT  B "HO5'" 1 
ATOM   285 P P      . DA  B 1 2 ? -2.862 8.510   -7.032  1.00 0.00 ? 10 DA  B P      1 
ATOM   286 O OP1    . DA  B 1 2 ? -4.055 8.641   -7.900  1.00 0.00 ? 10 DA  B OP1    1 
ATOM   287 O OP2    . DA  B 1 2 ? -3.023 8.044   -5.640  1.00 0.00 ? 10 DA  B OP2    1 
ATOM   288 O "O5'"  . DA  B 1 2 ? -1.849 7.505   -7.756  1.00 0.00 ? 10 DA  B "O5'"  1 
ATOM   289 C "C5'"  . DA  B 1 2 ? -1.393 7.705   -9.089  1.00 0.00 ? 10 DA  B "C5'"  1 
ATOM   290 C "C4'"  . DA  B 1 2 ? -0.648 6.485   -9.662  1.00 0.00 ? 10 DA  B "C4'"  1 
ATOM   291 O "O4'"  . DA  B 1 2 ? 0.597  6.280   -9.004  1.00 0.00 ? 10 DA  B "O4'"  1 
ATOM   292 C "C3'"  . DA  B 1 2 ? -1.450 5.186   -9.528  1.00 0.00 ? 10 DA  B "C3'"  1 
ATOM   293 O "O3'"  . DA  B 1 2 ? -1.210 4.367   -10.662 1.00 0.00 ? 10 DA  B "O3'"  1 
ATOM   294 C "C2'"  . DA  B 1 2 ? -0.914 4.584   -8.232  1.00 0.00 ? 10 DA  B "C2'"  1 
ATOM   295 C "C1'"  . DA  B 1 2 ? 0.513  5.131   -8.171  1.00 0.00 ? 10 DA  B "C1'"  1 
ATOM   296 N N9     . DA  B 1 2 ? 0.955  5.511   -6.810  1.00 0.00 ? 10 DA  B N9     1 
ATOM   297 C C8     . DA  B 1 2 ? 0.281  6.189   -5.820  1.00 0.00 ? 10 DA  B C8     1 
ATOM   298 N N7     . DA  B 1 2 ? 1.013  6.505   -4.779  1.00 0.00 ? 10 DA  B N7     1 
ATOM   299 C C5     . DA  B 1 2 ? 2.270  5.977   -5.123  1.00 0.00 ? 10 DA  B C5     1 
ATOM   300 C C6     . DA  B 1 2 ? 3.555  5.969   -4.530  1.00 0.00 ? 10 DA  B C6     1 
ATOM   301 N N6     . DA  B 1 2 ? 3.885  6.575   -3.405  1.00 0.00 ? 10 DA  B N6     1 
ATOM   302 N N1     . DA  B 1 2 ? 4.575  5.345   -5.112  1.00 0.00 ? 10 DA  B N1     1 
ATOM   303 C C2     . DA  B 1 2 ? 4.370  4.730   -6.265  1.00 0.00 ? 10 DA  B C2     1 
ATOM   304 N N3     . DA  B 1 2 ? 3.242  4.669   -6.959  1.00 0.00 ? 10 DA  B N3     1 
ATOM   305 C C4     . DA  B 1 2 ? 2.228  5.333   -6.331  1.00 0.00 ? 10 DA  B C4     1 
ATOM   306 H "H5'"  . DA  B 1 2 ? -0.730 8.572   -9.119  1.00 0.00 ? 10 DA  B "H5'"  1 
ATOM   307 H "H5''" . DA  B 1 2 ? -2.245 7.907   -9.736  1.00 0.00 ? 10 DA  B "H5''" 1 
ATOM   308 H "H4'"  . DA  B 1 2 ? -0.461 6.672   -10.721 1.00 0.00 ? 10 DA  B "H4'"  1 
ATOM   309 H "H3'"  . DA  B 1 2 ? -2.513 5.407   -9.435  1.00 0.00 ? 10 DA  B "H3'"  1 
ATOM   310 H "H2'"  . DA  B 1 2 ? -1.518 4.932   -7.397  1.00 0.00 ? 10 DA  B "H2'"  1 
ATOM   311 H "H2''" . DA  B 1 2 ? -0.911 3.496   -8.251  1.00 0.00 ? 10 DA  B "H2''" 1 
ATOM   312 H "H1'"  . DA  B 1 2 ? 1.188  4.365   -8.567  1.00 0.00 ? 10 DA  B "H1'"  1 
ATOM   313 H H8     . DA  B 1 2 ? -0.763 6.468   -5.912  1.00 0.00 ? 10 DA  B H8     1 
ATOM   314 H H61    . DA  B 1 2 ? 4.858  6.539   -3.116  1.00 0.00 ? 10 DA  B H61    1 
ATOM   315 H H62    . DA  B 1 2 ? 3.186  7.072   -2.891  1.00 0.00 ? 10 DA  B H62    1 
ATOM   316 H H2     . DA  B 1 2 ? 5.225  4.229   -6.699  1.00 0.00 ? 10 DA  B H2     1 
ATOM   317 P P      . DT  B 1 3 ? -2.100 3.077   -10.988 1.00 0.00 ? 11 DT  B P      1 
ATOM   318 O OP1    . DT  B 1 3 ? -1.931 2.778   -12.423 1.00 0.00 ? 11 DT  B OP1    1 
ATOM   319 O OP2    . DT  B 1 3 ? -3.464 3.321   -10.462 1.00 0.00 ? 11 DT  B OP2    1 
ATOM   320 O "O5'"  . DT  B 1 3 ? -1.411 1.903   -10.135 1.00 0.00 ? 11 DT  B "O5'"  1 
ATOM   321 C "C5'"  . DT  B 1 3 ? -0.219 1.286   -10.606 1.00 0.00 ? 11 DT  B "C5'"  1 
ATOM   322 C "C4'"  . DT  B 1 3 ? 0.543  0.475   -9.548  1.00 0.00 ? 11 DT  B "C4'"  1 
ATOM   323 O "O4'"  . DT  B 1 3 ? 1.022  1.304   -8.500  1.00 0.00 ? 11 DT  B "O4'"  1 
ATOM   324 C "C3'"  . DT  B 1 3 ? -0.242 -0.660  -8.872  1.00 0.00 ? 11 DT  B "C3'"  1 
ATOM   325 O "O3'"  . DT  B 1 3 ? 0.013  -1.893  -9.540  1.00 0.00 ? 11 DT  B "O3'"  1 
ATOM   326 C "C2'"  . DT  B 1 3 ? 0.315  -0.653  -7.440  1.00 0.00 ? 11 DT  B "C2'"  1 
ATOM   327 C "C1'"  . DT  B 1 3 ? 1.393  0.440   -7.449  1.00 0.00 ? 11 DT  B "C1'"  1 
ATOM   328 N N1     . DT  B 1 3 ? 1.538  1.215   -6.183  1.00 0.00 ? 11 DT  B N1     1 
ATOM   329 C C2     . DT  B 1 3 ? 2.815  1.340   -5.613  1.00 0.00 ? 11 DT  B C2     1 
ATOM   330 O O2     . DT  B 1 3 ? 3.824  0.816   -6.085  1.00 0.00 ? 11 DT  B O2     1 
ATOM   331 N N3     . DT  B 1 3 ? 2.915  2.084   -4.459  1.00 0.00 ? 11 DT  B N3     1 
ATOM   332 C C4     . DT  B 1 3 ? 1.869  2.708   -3.816  1.00 0.00 ? 11 DT  B C4     1 
ATOM   333 O O4     . DT  B 1 3 ? 2.098  3.358   -2.800  1.00 0.00 ? 11 DT  B O4     1 
ATOM   334 C C5     . DT  B 1 3 ? 0.564  2.536   -4.453  1.00 0.00 ? 11 DT  B C5     1 
ATOM   335 C C7     . DT  B 1 3 ? -0.674 3.167   -3.838  1.00 0.00 ? 11 DT  B C7     1 
ATOM   336 C C6     . DT  B 1 3 ? 0.442  1.817   -5.600  1.00 0.00 ? 11 DT  B C6     1 
ATOM   337 H "H5'"  . DT  B 1 3 ? 0.456  2.058   -10.979 1.00 0.00 ? 11 DT  B "H5'"  1 
ATOM   338 H "H5''" . DT  B 1 3 ? -0.470 0.629   -11.440 1.00 0.00 ? 11 DT  B "H5''" 1 
ATOM   339 H "H4'"  . DT  B 1 3 ? 1.406  0.025   -10.040 1.00 0.00 ? 11 DT  B "H4'"  1 
ATOM   340 H "H3'"  . DT  B 1 3 ? -1.308 -0.422  -8.870  1.00 0.00 ? 11 DT  B "H3'"  1 
ATOM   341 H "H2'"  . DT  B 1 3 ? -0.490 -0.435  -6.740  1.00 0.00 ? 11 DT  B "H2'"  1 
ATOM   342 H "H2''" . DT  B 1 3 ? 0.773  -1.608  -7.180  1.00 0.00 ? 11 DT  B "H2''" 1 
ATOM   343 H "H1'"  . DT  B 1 3 ? 2.344  -0.034  -7.709  1.00 0.00 ? 11 DT  B "H1'"  1 
ATOM   344 H H3     . DT  B 1 3 ? 3.839  2.206   -4.064  1.00 0.00 ? 11 DT  B H3     1 
ATOM   345 H H71    . DT  B 1 3 ? -0.526 4.242   -3.756  1.00 0.00 ? 11 DT  B H71    1 
ATOM   346 H H72    . DT  B 1 3 ? -1.560 2.966   -4.440  1.00 0.00 ? 11 DT  B H72    1 
ATOM   347 H H73    . DT  B 1 3 ? -0.817 2.759   -2.837  1.00 0.00 ? 11 DT  B H73    1 
ATOM   348 H H6     . DT  B 1 3 ? -0.526 1.717   -6.075  1.00 0.00 ? 11 DT  B H6     1 
ATOM   349 P P      . DG  B 1 4 ? -0.821 -3.228  -9.241  1.00 0.00 ? 12 DG  B P      1 
ATOM   350 O OP1    . DG  B 1 4 ? -0.535 -4.190  -10.331 1.00 0.00 ? 12 DG  B OP1    1 
ATOM   351 O OP2    . DG  B 1 4 ? -2.240 -2.890  -9.008  1.00 0.00 ? 12 DG  B OP2    1 
ATOM   352 O "O5'"  . DG  B 1 4 ? -0.257 -3.824  -7.873  1.00 0.00 ? 12 DG  B "O5'"  1 
ATOM   353 C "C5'"  . DG  B 1 4 ? -0.255 -5.217  -7.611  1.00 0.00 ? 12 DG  B "C5'"  1 
ATOM   354 C "C4'"  . DG  B 1 4 ? 1.125  -5.824  -7.910  1.00 0.00 ? 12 DG  B "C4'"  1 
ATOM   355 O "O4'"  . DG  B 1 4 ? 2.085  -5.409  -6.935  1.00 0.00 ? 12 DG  B "O4'"  1 
ATOM   356 C "C3'"  . DG  B 1 4 ? 1.089  -7.353  -7.835  1.00 0.00 ? 12 DG  B "C3'"  1 
ATOM   357 O "O3'"  . DG  B 1 4 ? 2.106  -7.878  -8.683  1.00 0.00 ? 12 DG  B "O3'"  1 
ATOM   358 C "C2'"  . DG  B 1 4 ? 1.326  -7.585  -6.344  1.00 0.00 ? 12 DG  B "C2'"  1 
ATOM   359 C "C1'"  . DG  B 1 4 ? 2.174  -6.383  -5.897  1.00 0.00 ? 12 DG  B "C1'"  1 
ATOM   360 N N9     . DG  B 1 4 ? 1.814  -5.796  -4.568  1.00 0.00 ? 12 DG  B N9     1 
ATOM   361 C C8     . DG  B 1 4 ? 0.580  -5.550  -4.003  1.00 0.00 ? 12 DG  B C8     1 
ATOM   362 N N7     . DG  B 1 4 ? 0.622  -4.970  -2.832  1.00 0.00 ? 12 DG  B N7     1 
ATOM   363 C C5     . DG  B 1 4 ? 1.991  -4.821  -2.581  1.00 0.00 ? 12 DG  B C5     1 
ATOM   364 C C6     . DG  B 1 4 ? 2.705  -4.215  -1.480  1.00 0.00 ? 12 DG  B C6     1 
ATOM   365 O O6     . DG  B 1 4 ? 2.271  -3.608  -0.490  1.00 0.00 ? 12 DG  B O6     1 
ATOM   366 N N1     . DG  B 1 4 ? 4.078  -4.335  -1.595  1.00 0.00 ? 12 DG  B N1     1 
ATOM   367 C C2     . DG  B 1 4 ? 4.694  -4.937  -2.642  1.00 0.00 ? 12 DG  B C2     1 
ATOM   368 N N2     . DG  B 1 4 ? 5.996  -5.006  -2.613  1.00 0.00 ? 12 DG  B N2     1 
ATOM   369 N N3     . DG  B 1 4 ? 4.084  -5.452  -3.703  1.00 0.00 ? 12 DG  B N3     1 
ATOM   370 C C4     . DG  B 1 4 ? 2.722  -5.367  -3.617  1.00 0.00 ? 12 DG  B C4     1 
ATOM   371 H "H5'"  . DG  B 1 4 ? -1.017 -5.714  -8.213  1.00 0.00 ? 12 DG  B "H5'"  1 
ATOM   372 H "H5''" . DG  B 1 4 ? -0.500 -5.374  -6.565  1.00 0.00 ? 12 DG  B "H5''" 1 
ATOM   373 H "H4'"  . DG  B 1 4 ? 1.433  -5.511  -8.910  1.00 0.00 ? 12 DG  B "H4'"  1 
ATOM   374 H "H3'"  . DG  B 1 4 ? 0.116  -7.743  -8.142  1.00 0.00 ? 12 DG  B "H3'"  1 
ATOM   375 H "H2'"  . DG  B 1 4 ? 0.368  -7.608  -5.825  1.00 0.00 ? 12 DG  B "H2'"  1 
ATOM   376 H "H2''" . DG  B 1 4 ? 1.850  -8.521  -6.182  1.00 0.00 ? 12 DG  B "H2''" 1 
ATOM   377 H "H1'"  . DG  B 1 4 ? 3.216  -6.713  -5.841  1.00 0.00 ? 12 DG  B "H1'"  1 
ATOM   378 H H8     . DG  B 1 4 ? -0.355 -5.793  -4.491  1.00 0.00 ? 12 DG  B H8     1 
ATOM   379 H H1     . DG  B 1 4 ? 4.653  -3.948  -0.864  1.00 0.00 ? 12 DG  B H1     1 
ATOM   380 H H21    . DG  B 1 4 ? 6.522  -4.647  -1.818  1.00 0.00 ? 12 DG  B H21    1 
ATOM   381 H H22    . DG  B 1 4 ? 6.440  -5.490  -3.367  1.00 0.00 ? 12 DG  B H22    1 
ATOM   382 P P      . DC  B 1 5 ? 2.291  -9.439  -8.974  1.00 0.00 ? 13 DC  B P      1 
ATOM   383 O OP1    . DC  B 1 5 ? 2.831  -9.600  -10.341 1.00 0.00 ? 13 DC  B OP1    1 
ATOM   384 O OP2    . DC  B 1 5 ? 1.050  -10.187 -8.718  1.00 0.00 ? 13 DC  B OP2    1 
ATOM   385 O "O5'"  . DC  B 1 5 ? 3.399  -9.947  -7.947  1.00 0.00 ? 13 DC  B "O5'"  1 
ATOM   386 C "C5'"  . DC  B 1 5 ? 4.781  -9.864  -8.276  1.00 0.00 ? 13 DC  B "C5'"  1 
ATOM   387 C "C4'"  . DC  B 1 5 ? 5.693  -10.172 -7.086  1.00 0.00 ? 13 DC  B "C4'"  1 
ATOM   388 O "O4'"  . DC  B 1 5 ? 5.521  -9.197  -6.069  1.00 0.00 ? 13 DC  B "O4'"  1 
ATOM   389 C "C3'"  . DC  B 1 5 ? 5.456  -11.548 -6.469  1.00 0.00 ? 13 DC  B "C3'"  1 
ATOM   390 O "O3'"  . DC  B 1 5 ? 6.324  -12.492 -7.075  1.00 0.00 ? 13 DC  B "O3'"  1 
ATOM   391 C "C2'"  . DC  B 1 5 ? 5.821  -11.312 -5.005  1.00 0.00 ? 13 DC  B "C2'"  1 
ATOM   392 C "C1'"  . DC  B 1 5 ? 5.737  -9.794  -4.804  1.00 0.00 ? 13 DC  B "C1'"  1 
ATOM   393 N N1     . DC  B 1 5 ? 4.624  -9.388  -3.901  1.00 0.00 ? 13 DC  B N1     1 
ATOM   394 C C2     . DC  B 1 5 ? 4.915  -8.717  -2.708  1.00 0.00 ? 13 DC  B C2     1 
ATOM   395 O O2     . DC  B 1 5 ? 6.079  -8.495  -2.362  1.00 0.00 ? 13 DC  B O2     1 
ATOM   396 N N3     . DC  B 1 5 ? 3.914  -8.302  -1.887  1.00 0.00 ? 13 DC  B N3     1 
ATOM   397 C C4     . DC  B 1 5 ? 2.674  -8.532  -2.249  1.00 0.00 ? 13 DC  B C4     1 
ATOM   398 N N4     . DC  B 1 5 ? 1.744  -8.065  -1.465  1.00 0.00 ? 13 DC  B N4     1 
ATOM   399 C C5     . DC  B 1 5 ? 2.311  -9.230  -3.436  1.00 0.00 ? 13 DC  B C5     1 
ATOM   400 C C6     . DC  B 1 5 ? 3.318  -9.651  -4.240  1.00 0.00 ? 13 DC  B C6     1 
ATOM   401 H "H5'"  . DC  B 1 5 ? 5.004  -8.858  -8.629  1.00 0.00 ? 13 DC  B "H5'"  1 
ATOM   402 H "H5''" . DC  B 1 5 ? 5.003  -10.570 -9.078  1.00 0.00 ? 13 DC  B "H5''" 1 
ATOM   403 H "H4'"  . DC  B 1 5 ? 6.730  -10.142 -7.423  1.00 0.00 ? 13 DC  B "H4'"  1 
ATOM   404 H "H3'"  . DC  B 1 5 ? 4.407  -11.833 -6.573  1.00 0.00 ? 13 DC  B "H3'"  1 
ATOM   405 H "H2'"  . DC  B 1 5 ? 5.144  -11.859 -4.350  1.00 0.00 ? 13 DC  B "H2'"  1 
ATOM   406 H "H2''" . DC  B 1 5 ? 6.845  -11.634 -4.817  1.00 0.00 ? 13 DC  B "H2''" 1 
ATOM   407 H "H1'"  . DC  B 1 5 ? 6.692  -9.444  -4.404  1.00 0.00 ? 13 DC  B "H1'"  1 
ATOM   408 H H41    . DC  B 1 5 ? 2.027  -7.567  -0.628  1.00 0.00 ? 13 DC  B H41    1 
ATOM   409 H H42    . DC  B 1 5 ? 0.785  -8.150  -1.726  1.00 0.00 ? 13 DC  B H42    1 
ATOM   410 H H5     . DC  B 1 5 ? 1.286  -9.417  -3.708  1.00 0.00 ? 13 DC  B H5     1 
ATOM   411 H H6     . DC  B 1 5 ? 3.114  -10.168 -5.173  1.00 0.00 ? 13 DC  B H6     1 
ATOM   412 P P      . DA  B 1 6 ? 6.120  -14.061 -6.888  1.00 0.00 ? 14 DA  B P      1 
ATOM   413 O OP1    . DA  B 1 6 ? 7.112  -14.714 -7.769  1.00 0.00 ? 14 DA  B OP1    1 
ATOM   414 O OP2    . DA  B 1 6 ? 4.688  -14.388 -7.009  1.00 0.00 ? 14 DA  B OP2    1 
ATOM   415 O "O5'"  . DA  B 1 6 ? 6.585  -14.306 -5.376  1.00 0.00 ? 14 DA  B "O5'"  1 
ATOM   416 C "C5'"  . DA  B 1 6 ? 6.570  -15.614 -4.826  1.00 0.00 ? 14 DA  B "C5'"  1 
ATOM   417 C "C4'"  . DA  B 1 6 ? 6.962  -15.613 -3.344  1.00 0.00 ? 14 DA  B "C4'"  1 
ATOM   418 O "O4'"  . DA  B 1 6 ? 5.977  -14.987 -2.527  1.00 0.00 ? 14 DA  B "O4'"  1 
ATOM   419 C "C3'"  . DA  B 1 6 ? 7.158  -17.040 -2.805  1.00 0.00 ? 14 DA  B "C3'"  1 
ATOM   420 O "O3'"  . DA  B 1 6 ? 8.549  -17.247 -2.598  1.00 0.00 ? 14 DA  B "O3'"  1 
ATOM   421 C "C2'"  . DA  B 1 6 ? 6.301  -17.052 -1.532  1.00 0.00 ? 14 DA  B "C2'"  1 
ATOM   422 C "C1'"  . DA  B 1 6 ? 6.046  -15.577 -1.241  1.00 0.00 ? 14 DA  B "C1'"  1 
ATOM   423 N N9     . DA  B 1 6 ? 4.786  -15.355 -0.495  1.00 0.00 ? 14 DA  B N9     1 
ATOM   424 C C8     . DA  B 1 6 ? 3.513  -15.750 -0.837  1.00 0.00 ? 14 DA  B C8     1 
ATOM   425 N N7     . DA  B 1 6 ? 2.586  -15.386 0.008   1.00 0.00 ? 14 DA  B N7     1 
ATOM   426 C C5     . DA  B 1 6 ? 3.316  -14.701 0.993   1.00 0.00 ? 14 DA  B C5     1 
ATOM   427 C C6     . DA  B 1 6 ? 2.982  -14.015 2.185   1.00 0.00 ? 14 DA  B C6     1 
ATOM   428 N N6     . DA  B 1 6 ? 1.756  -13.885 2.643   1.00 0.00 ? 14 DA  B N6     1 
ATOM   429 N N1     . DA  B 1 6 ? 3.914  -13.419 2.929   1.00 0.00 ? 14 DA  B N1     1 
ATOM   430 C C2     . DA  B 1 6 ? 5.171  -13.491 2.516   1.00 0.00 ? 14 DA  B C2     1 
ATOM   431 N N3     . DA  B 1 6 ? 5.642  -14.097 1.430   1.00 0.00 ? 14 DA  B N3     1 
ATOM   432 C C4     . DA  B 1 6 ? 4.653  -14.685 0.702   1.00 0.00 ? 14 DA  B C4     1 
ATOM   433 H "H5'"  . DA  B 1 6 ? 7.274  -16.240 -5.379  1.00 0.00 ? 14 DA  B "H5'"  1 
ATOM   434 H "H5''" . DA  B 1 6 ? 5.570  -16.041 -4.926  1.00 0.00 ? 14 DA  B "H5''" 1 
ATOM   435 H "H4'"  . DA  B 1 6 ? 7.905  -15.075 -3.237  1.00 0.00 ? 14 DA  B "H4'"  1 
ATOM   436 H "H3'"  . DA  B 1 6 ? 6.777  -17.787 -3.504  1.00 0.00 ? 14 DA  B "H3'"  1 
ATOM   437 H "H2'"  . DA  B 1 6 ? 5.368  -17.574 -1.745  1.00 0.00 ? 14 DA  B "H2'"  1 
ATOM   438 H "H2''" . DA  B 1 6 ? 6.791  -17.530 -0.688  1.00 0.00 ? 14 DA  B "H2''" 1 
ATOM   439 H "H1'"  . DA  B 1 6 ? 6.890  -15.167 -0.674  1.00 0.00 ? 14 DA  B "H1'"  1 
ATOM   440 H H8     . DA  B 1 6 ? 3.302  -16.301 -1.743  1.00 0.00 ? 14 DA  B H8     1 
ATOM   441 H H61    . DA  B 1 6 ? 1.606  -13.305 3.461   1.00 0.00 ? 14 DA  B H61    1 
ATOM   442 H H62    . DA  B 1 6 ? 1.012  -14.332 2.144   1.00 0.00 ? 14 DA  B H62    1 
ATOM   443 H H2     . DA  B 1 6 ? 5.905  -13.000 3.142   1.00 0.00 ? 14 DA  B H2     1 
ATOM   444 P P      . DT  B 1 7 ? 9.140  -18.539 -1.868  1.00 0.00 ? 15 DT  B P      1 
ATOM   445 O OP1    . DT  B 1 7 ? 10.554 -18.772 -2.238  1.00 0.00 ? 15 DT  B OP1    1 
ATOM   446 O OP2    . DT  B 1 7 ? 8.197  -19.659 -1.918  1.00 0.00 ? 15 DT  B OP2    1 
ATOM   447 O "O5'"  . DT  B 1 7 ? 9.228  -18.072 -0.347  1.00 0.00 ? 15 DT  B "O5'"  1 
ATOM   448 C "C5'"  . DT  B 1 7 ? 9.877  -16.855 0.005   1.00 0.00 ? 15 DT  B "C5'"  1 
ATOM   449 C "C4'"  . DT  B 1 7 ? 9.538  -16.438 1.436   1.00 0.00 ? 15 DT  B "C4'"  1 
ATOM   450 O "O4'"  . DT  B 1 7 ? 8.158  -16.197 1.599   1.00 0.00 ? 15 DT  B "O4'"  1 
ATOM   451 C "C3'"  . DT  B 1 7 ? 9.875  -17.512 2.459   1.00 0.00 ? 15 DT  B "C3'"  1 
ATOM   452 O "O3'"  . DT  B 1 7 ? 11.246 -17.399 2.786   1.00 0.00 ? 15 DT  B "O3'"  1 
ATOM   453 C "C2'"  . DT  B 1 7 ? 8.951  -17.163 3.621   1.00 0.00 ? 15 DT  B "C2'"  1 
ATOM   454 C "C1'"  . DT  B 1 7 ? 7.869  -16.279 2.986   1.00 0.00 ? 15 DT  B "C1'"  1 
ATOM   455 N N1     . DT  B 1 7 ? 6.490  -16.802 3.188   1.00 0.00 ? 15 DT  B N1     1 
ATOM   456 C C2     . DT  B 1 7 ? 5.747  -16.260 4.241   1.00 0.00 ? 15 DT  B C2     1 
ATOM   457 O O2     . DT  B 1 7 ? 6.221  -15.519 5.098   1.00 0.00 ? 15 DT  B O2     1 
ATOM   458 N N3     . DT  B 1 7 ? 4.414  -16.580 4.282   1.00 0.00 ? 15 DT  B N3     1 
ATOM   459 C C4     . DT  B 1 7 ? 3.744  -17.375 3.385   1.00 0.00 ? 15 DT  B C4     1 
ATOM   460 O O4     . DT  B 1 7 ? 2.531  -17.509 3.520   1.00 0.00 ? 15 DT  B O4     1 
ATOM   461 C C5     . DT  B 1 7 ? 4.590  -17.977 2.352   1.00 0.00 ? 15 DT  B C5     1 
ATOM   462 C C7     . DT  B 1 7 ? 3.984  -18.903 1.313   1.00 0.00 ? 15 DT  B C7     1 
ATOM   463 C C6     . DT  B 1 7 ? 5.919  -17.688 2.294   1.00 0.00 ? 15 DT  B C6     1 
ATOM   464 H "H5'"  . DT  B 1 7 ? 9.551  -16.053 -0.659  1.00 0.00 ? 15 DT  B "H5'"  1 
ATOM   465 H "H5''" . DT  B 1 7 ? 10.958 -16.965 -0.094  1.00 0.00 ? 15 DT  B "H5''" 1 
ATOM   466 H "H4'"  . DT  B 1 7 ? 10.091 -15.531 1.686   1.00 0.00 ? 15 DT  B "H4'"  1 
ATOM   467 H "H3'"  . DT  B 1 7 ? 9.613  -18.497 2.066   1.00 0.00 ? 15 DT  B "H3'"  1 
ATOM   468 H "H2'"  . DT  B 1 7 ? 8.531  -18.066 4.059   1.00 0.00 ? 15 DT  B "H2'"  1 
ATOM   469 H "H2''" . DT  B 1 7 ? 9.489  -16.599 4.384   1.00 0.00 ? 15 DT  B "H2''" 1 
ATOM   470 H "H1'"  . DT  B 1 7 ? 7.932  -15.277 3.419   1.00 0.00 ? 15 DT  B "H1'"  1 
ATOM   471 H H3     . DT  B 1 7 ? 3.864  -16.139 5.003   1.00 0.00 ? 15 DT  B H3     1 
ATOM   472 H H71    . DT  B 1 7 ? 3.196  -18.372 0.778   1.00 0.00 ? 15 DT  B H71    1 
ATOM   473 H H72    . DT  B 1 7 ? 4.736  -19.249 0.603   1.00 0.00 ? 15 DT  B H72    1 
ATOM   474 H H73    . DT  B 1 7 ? 3.534  -19.764 1.809   1.00 0.00 ? 15 DT  B H73    1 
ATOM   475 H H6     . DT  B 1 7 ? 6.539  -18.120 1.520   1.00 0.00 ? 15 DT  B H6     1 
ATOM   476 P P      . DA  B 1 8 ? 12.167 -18.685 2.961   1.00 0.00 ? 16 DA  B P      1 
ATOM   477 O OP1    . DA  B 1 8 ? 13.552 -18.208 3.106   1.00 0.00 ? 16 DA  B OP1    1 
ATOM   478 O OP2    . DA  B 1 8 ? 11.851 -19.597 1.837   1.00 0.00 ? 16 DA  B OP2    1 
ATOM   479 O "O5'"  . DA  B 1 8 ? 11.649 -19.311 4.333   1.00 0.00 ? 16 DA  B "O5'"  1 
ATOM   480 C "C5'"  . DA  B 1 8 ? 11.923 -18.654 5.564   1.00 0.00 ? 16 DA  B "C5'"  1 
ATOM   481 C "C4'"  . DA  B 1 8 ? 11.115 -19.226 6.736   1.00 0.00 ? 16 DA  B "C4'"  1 
ATOM   482 O "O4'"  . DA  B 1 8 ? 9.724  -19.049 6.485   1.00 0.00 ? 16 DA  B "O4'"  1 
ATOM   483 C "C3'"  . DA  B 1 8 ? 11.366 -20.725 6.970   1.00 0.00 ? 16 DA  B "C3'"  1 
ATOM   484 O "O3'"  . DA  B 1 8 ? 11.529 -20.994 8.356   1.00 0.00 ? 16 DA  B "O3'"  1 
ATOM   485 C "C2'"  . DA  B 1 8 ? 10.076 -21.362 6.470   1.00 0.00 ? 16 DA  B "C2'"  1 
ATOM   486 C "C1'"  . DA  B 1 8 ? 9.055  -20.264 6.768   1.00 0.00 ? 16 DA  B "C1'"  1 
ATOM   487 N N9     . DA  B 1 8 ? 7.820  -20.366 5.957   1.00 0.00 ? 16 DA  B N9     1 
ATOM   488 C C8     . DA  B 1 8 ? 7.692  -20.613 4.609   1.00 0.00 ? 16 DA  B C8     1 
ATOM   489 N N7     . DA  B 1 8 ? 6.456  -20.649 4.179   1.00 0.00 ? 16 DA  B N7     1 
ATOM   490 C C5     . DA  B 1 8 ? 5.714  -20.402 5.349   1.00 0.00 ? 16 DA  B C5     1 
ATOM   491 C C6     . DA  B 1 8 ? 4.337  -20.281 5.654   1.00 0.00 ? 16 DA  B C6     1 
ATOM   492 N N6     . DA  B 1 8 ? 3.377  -20.388 4.760   1.00 0.00 ? 16 DA  B N6     1 
ATOM   493 N N1     . DA  B 1 8 ? 3.910  -20.030 6.897   1.00 0.00 ? 16 DA  B N1     1 
ATOM   494 C C2     . DA  B 1 8 ? 4.834  -19.906 7.841   1.00 0.00 ? 16 DA  B C2     1 
ATOM   495 N N3     . DA  B 1 8 ? 6.153  -19.991 7.718   1.00 0.00 ? 16 DA  B N3     1 
ATOM   496 C C4     . DA  B 1 8 ? 6.534  -20.237 6.433   1.00 0.00 ? 16 DA  B C4     1 
ATOM   497 H "H5'"  . DA  B 1 8 ? 11.677 -17.596 5.468   1.00 0.00 ? 16 DA  B "H5'"  1 
ATOM   498 H "H5''" . DA  B 1 8 ? 12.989 -18.739 5.783   1.00 0.00 ? 16 DA  B "H5''" 1 
ATOM   499 H "H4'"  . DA  B 1 8 ? 11.387 -18.684 7.641   1.00 0.00 ? 16 DA  B "H4'"  1 
ATOM   500 H "H3'"  . DA  B 1 8 ? 12.228 -21.077 6.395   1.00 0.00 ? 16 DA  B "H3'"  1 
ATOM   501 H "HO3'" . DA  B 1 8 ? 11.761 -21.924 8.470   1.00 0.00 ? 16 DA  B "HO3'" 1 
ATOM   502 H "H2'"  . DA  B 1 8 ? 10.161 -21.541 5.399   1.00 0.00 ? 16 DA  B "H2'"  1 
ATOM   503 H "H2''" . DA  B 1 8 ? 9.841  -22.286 6.999   1.00 0.00 ? 16 DA  B "H2''" 1 
ATOM   504 H "H1'"  . DA  B 1 8 ? 8.798  -20.292 7.832   1.00 0.00 ? 16 DA  B "H1'"  1 
ATOM   505 H H8     . DA  B 1 8 ? 8.549  -20.746 3.962   1.00 0.00 ? 16 DA  B H8     1 
ATOM   506 H H61    . DA  B 1 8 ? 2.426  -20.180 5.038   1.00 0.00 ? 16 DA  B H61    1 
ATOM   507 H H62    . DA  B 1 8 ? 3.618  -20.539 3.798   1.00 0.00 ? 16 DA  B H62    1 
ATOM   508 H H2     . DA  B 1 8 ? 4.467  -19.707 8.838   1.00 0.00 ? 16 DA  B H2     1 
HETATM 509 C C1     . XR2 C 2 . ? 2.416  -1.053  -2.795  1.00 0.00 ? 17 XR2 A C1     1 
HETATM 510 C C2     . XR2 C 2 . ? 2.286  -1.693  -4.033  1.00 0.00 ? 17 XR2 A C2     1 
HETATM 511 C C3     . XR2 C 2 . ? 3.404  -2.134  -4.731  1.00 0.00 ? 17 XR2 A C3     1 
HETATM 512 C C4     . XR2 C 2 . ? 4.671  -1.930  -4.200  1.00 0.00 ? 17 XR2 A C4     1 
HETATM 513 C C12    . XR2 C 2 . ? 4.839  -1.283  -2.979  1.00 0.00 ? 17 XR2 A C12    1 
HETATM 514 C C11    . XR2 C 2 . ? 3.703  -0.824  -2.264  1.00 0.00 ? 17 XR2 A C11    1 
HETATM 515 N N5     . XR2 C 2 . ? 6.103  -1.132  -2.512  1.00 0.00 ? 17 XR2 A N5     1 
HETATM 516 N N10    . XR2 C 2 . ? 3.869  -0.176  -1.079  1.00 0.00 ? 17 XR2 A N10    1 
HETATM 517 C C13    . XR2 C 2 . ? 6.246  -0.484  -1.331  1.00 0.00 ? 17 XR2 A C13    1 
HETATM 518 C C14    . XR2 C 2 . ? 5.131  0.014   -0.617  1.00 0.00 ? 17 XR2 A C14    1 
HETATM 519 C C6     . XR2 C 2 . ? 7.527  -0.295  -0.818  1.00 0.00 ? 17 XR2 A C6     1 
HETATM 520 C C7     . XR2 C 2 . ? 7.722  0.393   0.377   1.00 0.00 ? 17 XR2 A C7     1 
HETATM 521 C C8     . XR2 C 2 . ? 6.629  0.899   1.071   1.00 0.00 ? 17 XR2 A C8     1 
HETATM 522 C C9     . XR2 C 2 . ? 5.334  0.710   0.585   1.00 0.00 ? 17 XR2 A C9     1 
HETATM 523 C C9A    . XR2 C 2 . ? 4.159  1.292   1.364   1.00 0.00 ? 17 XR2 A C9A    1 
HETATM 524 C C      . XR2 C 2 . ? 1.133  -0.706  -2.093  1.00 0.00 ? 17 XR2 A C      1 
HETATM 525 O O      . XR2 C 2 . ? 0.044  -0.884  -2.593  1.00 0.00 ? 17 XR2 A O      1 
HETATM 526 N N      . XR2 C 2 . ? 1.175  -0.251  -0.837  1.00 0.00 ? 17 XR2 A N      1 
HETATM 527 C CA     . XR2 C 2 . ? 0.000  0.000   0.000   1.00 0.00 ? 17 XR2 A CA     1 
HETATM 528 C CB     . XR2 C 2 . ? -0.713 -1.323  0.347   1.00 0.00 ? 17 XR2 A CB     1 
HETATM 529 N NG     . XR2 C 2 . ? 0.192  -2.373  0.974   1.00 0.00 ? 17 XR2 A NG     1 
HETATM 530 C CD     . XR2 C 2 . ? -0.595 -3.546  1.523   1.00 0.00 ? 17 XR2 A CD     1 
HETATM 531 N "N'"   . XR2 C 2 . ? 0.233  -8.635  2.638   1.00 0.00 ? 17 XR2 A "N'"   1 
HETATM 532 C "C'"   . XR2 C 2 . ? 1.160  -8.320  3.549   1.00 0.00 ? 17 XR2 A "C'"   1 
HETATM 533 O "O'"   . XR2 C 2 . ? 0.831  -7.545  4.431   1.00 0.00 ? 17 XR2 A "O'"   1 
HETATM 534 C "C1'"  . XR2 C 2 . ? 2.566  -8.832  3.384   1.00 0.00 ? 17 XR2 A "C1'"  1 
HETATM 535 C "C2'"  . XR2 C 2 . ? 3.504  -8.388  4.325   1.00 0.00 ? 17 XR2 A "C2'"  1 
HETATM 536 C "C3'"  . XR2 C 2 . ? 4.852  -8.694  4.194   1.00 0.00 ? 17 XR2 A "C3'"  1 
HETATM 537 C "C4'"  . XR2 C 2 . ? 5.285  -9.445  3.110   1.00 0.00 ? 17 XR2 A "C4'"  1 
HETATM 538 C CCX    . XR2 C 2 . ? 4.383  -9.917  2.164   1.00 0.00 ? 17 XR2 A CCX    1 
HETATM 539 N "N5'"  . XR2 C 2 . ? 4.881  -10.612 1.111   1.00 0.00 ? 17 XR2 A "N5'"  1 
HETATM 540 C CDX    . XR2 C 2 . ? 3.986  -11.095 0.217   1.00 0.00 ? 17 XR2 A CDX    1 
HETATM 541 C CEX    . XR2 C 2 . ? 2.598  -10.884 0.370   1.00 0.00 ? 17 XR2 A CEX    1 
HETATM 542 N NAX    . XR2 C 2 . ? 2.116  -10.140 1.401   1.00 0.00 ? 17 XR2 A NAX    1 
HETATM 543 C CBX    . XR2 C 2 . ? 2.998  -9.643  2.310   1.00 0.00 ? 17 XR2 A CBX    1 
HETATM 544 C "C9'"  . XR2 C 2 . ? 1.706  -11.453 -0.554  1.00 0.00 ? 17 XR2 A "C9'"  1 
HETATM 545 C "C8'"  . XR2 C 2 . ? 2.197  -12.207 -1.622  1.00 0.00 ? 17 XR2 A "C8'"  1 
HETATM 546 C "C7'"  . XR2 C 2 . ? 3.567  -12.394 -1.783  1.00 0.00 ? 17 XR2 A "C7'"  1 
HETATM 547 C "C6'"  . XR2 C 2 . ? 4.454  -11.835 -0.866  1.00 0.00 ? 17 XR2 A "C6'"  1 
HETATM 548 C C9X    . XR2 C 2 . ? 0.199  -11.275 -0.396  1.00 0.00 ? 17 XR2 A C9X    1 
HETATM 549 C "CA'"  . XR2 C 2 . ? -1.128 -8.090  2.549   1.00 0.00 ? 17 XR2 A "CA'"  1 
HETATM 550 C "CB'"  . XR2 C 2 . ? -1.092 -6.649  1.999   1.00 0.00 ? 17 XR2 A "CB'"  1 
HETATM 551 N "NG'"  . XR2 C 2 . ? -0.538 -5.661  3.010   1.00 0.00 ? 17 XR2 A "NG'"  1 
HETATM 552 C "CD'"  . XR2 C 2 . ? 0.245  -4.519  2.377   1.00 0.00 ? 17 XR2 A "CD'"  1 
HETATM 553 H H2     . XR2 C 2 . ? 1.294  -1.889  -4.446  1.00 0.00 ? 17 XR2 A H2     1 
HETATM 554 H H3     . XR2 C 2 . ? 3.284  -2.654  -5.681  1.00 0.00 ? 17 XR2 A H3     1 
HETATM 555 H H4     . XR2 C 2 . ? 5.551  -2.287  -4.729  1.00 0.00 ? 17 XR2 A H4     1 
HETATM 556 H H6     . XR2 C 2 . ? 8.380  -0.658  -1.387  1.00 0.00 ? 17 XR2 A H6     1 
HETATM 557 H H7     . XR2 C 2 . ? 8.732  0.571   0.743   1.00 0.00 ? 17 XR2 A H7     1 
HETATM 558 H H8     . XR2 C 2 . ? 6.792  1.463   1.989   1.00 0.00 ? 17 XR2 A H8     1 
HETATM 559 H H91    . XR2 C 2 . ? 3.637  2.038   0.758   1.00 0.00 ? 17 XR2 A H91    1 
HETATM 560 H H92    . XR2 C 2 . ? 4.489  1.775   2.286   1.00 0.00 ? 17 XR2 A H92    1 
HETATM 561 H H93    . XR2 C 2 . ? 3.447  0.509   1.631   1.00 0.00 ? 17 XR2 A H93    1 
HETATM 562 H HN     . XR2 C 2 . ? 2.110  -0.055  -0.498  1.00 0.00 ? 17 XR2 A HN     1 
HETATM 563 H HA1    . XR2 C 2 . ? -0.692 0.653   -0.540  1.00 0.00 ? 17 XR2 A HA1    1 
HETATM 564 H HA2    . XR2 C 2 . ? 0.310  0.508   0.920   1.00 0.00 ? 17 XR2 A HA2    1 
HETATM 565 H HB1    . XR2 C 2 . ? -1.124 -1.749  -0.577  1.00 0.00 ? 17 XR2 A HB1    1 
HETATM 566 H HB2    . XR2 C 2 . ? -1.540 -1.116  1.034   1.00 0.00 ? 17 XR2 A HB2    1 
HETATM 567 H HG1    . XR2 C 2 . ? 0.770  -1.922  1.733   1.00 0.00 ? 17 XR2 A HG1    1 
HETATM 568 H HG2    . XR2 C 2 . ? 0.908  -2.701  0.268   1.00 0.00 ? 17 XR2 A HG2    1 
HETATM 569 H HD1    . XR2 C 2 . ? -1.408 -3.143  2.136   1.00 0.00 ? 17 XR2 A HD1    1 
HETATM 570 H HD2    . XR2 C 2 . ? -1.033 -4.078  0.671   1.00 0.00 ? 17 XR2 A HD2    1 
HETATM 571 H "HN'"  . XR2 C 2 . ? 0.568  -9.277  1.927   1.00 0.00 ? 17 XR2 A "HN'"  1 
HETATM 572 H "H2'"  . XR2 C 2 . ? 3.185  -7.758  5.156   1.00 0.00 ? 17 XR2 A "H2'"  1 
HETATM 573 H "H3'"  . XR2 C 2 . ? 5.574  -8.316  4.917   1.00 0.00 ? 17 XR2 A "H3'"  1 
HETATM 574 H "H4'"  . XR2 C 2 . ? 6.342  -9.665  2.982   1.00 0.00 ? 17 XR2 A "H4'"  1 
HETATM 575 H "H8'"  . XR2 C 2 . ? 1.510  -12.666 -2.332  1.00 0.00 ? 17 XR2 A "H8'"  1 
HETATM 576 H "H7'"  . XR2 C 2 . ? 3.943  -13.003 -2.606  1.00 0.00 ? 17 XR2 A "H7'"  1 
HETATM 577 H "H6'"  . XR2 C 2 . ? 5.523  -12.003 -0.965  1.00 0.00 ? 17 XR2 A "H6'"  1 
HETATM 578 H "H91'" . XR2 C 2 . ? -0.080 -10.229 -0.538  1.00 0.00 ? 17 XR2 A "H91'" 1 
HETATM 579 H "H92'" . XR2 C 2 . ? -0.354 -11.876 -1.120  1.00 0.00 ? 17 XR2 A "H92'" 1 
HETATM 580 H "H93'" . XR2 C 2 . ? -0.117 -11.581 0.604   1.00 0.00 ? 17 XR2 A "H93'" 1 
HETATM 581 H "HA1'" . XR2 C 2 . ? -1.604 -8.111  3.536   1.00 0.00 ? 17 XR2 A "HA1'" 1 
HETATM 582 H "HA2'" . XR2 C 2 . ? -1.711 -8.719  1.870   1.00 0.00 ? 17 XR2 A "HA2'" 1 
HETATM 583 H "HB1'" . XR2 C 2 . ? -0.444 -6.631  1.116   1.00 0.00 ? 17 XR2 A "HB1'" 1 
HETATM 584 H "HB2'" . XR2 C 2 . ? -2.096 -6.323  1.709   1.00 0.00 ? 17 XR2 A "HB2'" 1 
HETATM 585 H "HG1'" . XR2 C 2 . ? -1.294 -5.334  3.670   1.00 0.00 ? 17 XR2 A "HG1'" 1 
HETATM 586 H "HG2'" . XR2 C 2 . ? 0.112  -6.220  3.642   1.00 0.00 ? 17 XR2 A "HG2'" 1 
HETATM 587 H "HD1'" . XR2 C 2 . ? 0.741  -3.970  3.187   1.00 0.00 ? 17 XR2 A "HD1'" 1 
HETATM 588 H "HD2'" . XR2 C 2 . ? 1.034  -4.957  1.761   1.00 0.00 ? 17 XR2 A "HD2'" 1 
# 
